data_8A9L
# 
_entry.id   8A9L 
# 
_audit_conform.dict_name       mmcif_pdbx.dic 
_audit_conform.dict_version    5.395 
_audit_conform.dict_location   http://mmcif.pdb.org/dictionaries/ascii/mmcif_pdbx.dic 
# 
loop_
_database_2.database_id 
_database_2.database_code 
_database_2.pdbx_database_accession 
_database_2.pdbx_DOI 
PDB   8A9L         pdb_00008a9l 10.2210/pdb8a9l/pdb 
WWPDB D_1292123999 ?            ?                   
EMDB  EMD-15285    ?            ?                   
# 
loop_
_pdbx_audit_revision_history.ordinal 
_pdbx_audit_revision_history.data_content_type 
_pdbx_audit_revision_history.major_revision 
_pdbx_audit_revision_history.minor_revision 
_pdbx_audit_revision_history.revision_date 
1 'Structure model' 1 0 2022-08-31 
2 'Structure model' 1 1 2022-09-28 
3 'Structure model' 1 2 2022-11-09 
4 'Structure model' 1 3 2024-07-24 
# 
_pdbx_audit_revision_details.ordinal             1 
_pdbx_audit_revision_details.revision_ordinal    1 
_pdbx_audit_revision_details.data_content_type   'Structure model' 
_pdbx_audit_revision_details.provider            repository 
_pdbx_audit_revision_details.type                'Initial release' 
_pdbx_audit_revision_details.description         ? 
_pdbx_audit_revision_details.details             ? 
# 
loop_
_pdbx_audit_revision_group.ordinal 
_pdbx_audit_revision_group.revision_ordinal 
_pdbx_audit_revision_group.data_content_type 
_pdbx_audit_revision_group.group 
1 2 'Structure model' 'Database references'    
2 3 'Structure model' 'Database references'    
3 4 'Structure model' 'Data collection'        
4 4 'Structure model' 'Refinement description' 
# 
loop_
_pdbx_audit_revision_category.ordinal 
_pdbx_audit_revision_category.revision_ordinal 
_pdbx_audit_revision_category.data_content_type 
_pdbx_audit_revision_category.category 
1 2 'Structure model' citation        
2 2 'Structure model' citation_author 
3 3 'Structure model' citation        
4 3 'Structure model' citation_author 
5 4 'Structure model' chem_comp_atom  
6 4 'Structure model' chem_comp_bond  
7 4 'Structure model' em_admin        
8 4 'Structure model' refine          
# 
loop_
_pdbx_audit_revision_item.ordinal 
_pdbx_audit_revision_item.revision_ordinal 
_pdbx_audit_revision_item.data_content_type 
_pdbx_audit_revision_item.item 
1  2 'Structure model' '_citation.country'                 
2  2 'Structure model' '_citation.journal_abbrev'          
3  2 'Structure model' '_citation.journal_id_ASTM'         
4  2 'Structure model' '_citation.journal_id_CSD'          
5  2 'Structure model' '_citation.journal_id_ISSN'         
6  2 'Structure model' '_citation.pdbx_database_id_DOI'    
7  2 'Structure model' '_citation.pdbx_database_id_PubMed' 
8  2 'Structure model' '_citation.title'                   
9  2 'Structure model' '_citation.year'                    
10 2 'Structure model' '_citation_author.identifier_ORCID' 
11 2 'Structure model' '_citation_author.name'             
12 3 'Structure model' '_citation.journal_volume'          
13 3 'Structure model' '_citation.page_first'              
14 3 'Structure model' '_citation.page_last'               
15 3 'Structure model' '_citation_author.identifier_ORCID' 
16 4 'Structure model' '_em_admin.last_update'             
17 4 'Structure model' '_refine.ls_d_res_high'             
18 4 'Structure model' '_refine.ls_d_res_low'              
# 
_pdbx_database_status.status_code                     REL 
_pdbx_database_status.status_code_sf                  ? 
_pdbx_database_status.status_code_mr                  ? 
_pdbx_database_status.entry_id                        8A9L 
_pdbx_database_status.recvd_initial_deposition_date   2022-06-28 
_pdbx_database_status.SG_entry                        N 
_pdbx_database_status.deposit_site                    PDBE 
_pdbx_database_status.process_site                    PDBE 
_pdbx_database_status.status_code_cs                  ? 
_pdbx_database_status.status_code_nmr_data            ? 
_pdbx_database_status.methods_development_category    ? 
_pdbx_database_status.pdb_format_compatible           Y 
# 
_pdbx_database_related.db_name        EMDB 
_pdbx_database_related.details        
;Cryo-EM structure of alpha-synuclein filaments from Parkinson's disease and dementia with Lewy bodies
;
_pdbx_database_related.db_id          EMD-15285 
_pdbx_database_related.content_type   'associated EM volume' 
# 
loop_
_pdbx_contact_author.id 
_pdbx_contact_author.email 
_pdbx_contact_author.name_first 
_pdbx_contact_author.name_last 
_pdbx_contact_author.name_mi 
_pdbx_contact_author.role 
_pdbx_contact_author.identifier_ORCID 
3 scheres@mrc-lmb.cam.ac.uk Sjors  Scheres H.W. 'principal investigator/group leader' 0000-0002-0462-6540 
4 mg@mrc-lmb.cam.ac.uk      Michel Goedert ?    'principal investigator/group leader' 0000-0002-5214-7886 
# 
loop_
_audit_author.name 
_audit_author.pdbx_ordinal 
_audit_author.identifier_ORCID 
'Yang, Y.'          1  0000-0003-2238-6437 
'Shi, Y.'           2  ?                   
'Schweighauser, M.' 3  ?                   
'Zhang, X.J.'       4  ?                   
'Kotecha, A.'       5  ?                   
'Murzin, A.G.'      6  ?                   
'Garringer, H.J.'   7  ?                   
'Cullinane, P.'     8  ?                   
'Saito, Y.'         9  ?                   
'Foroud, T.'        10 ?                   
'Warner, T.T.'      11 ?                   
'Hasegawa, K.'      12 ?                   
'Vidal, R.'         13 ?                   
'Murayama, S.'      14 ?                   
'Revesz, T.'        15 ?                   
'Ghetti, B.'        16 ?                   
'Hasegawa, M.'      17 ?                   
'Lashley, T.'       18 ?                   
'Scheres, H.W.S.'   19 ?                   
'Goedert, M.'       20 ?                   
# 
_citation.abstract                  ? 
_citation.abstract_id_CAS           ? 
_citation.book_id_ISBN              ? 
_citation.book_publisher            ? 
_citation.book_publisher_city       ? 
_citation.book_title                ? 
_citation.coordinate_linkage        ? 
_citation.country                   UK 
_citation.database_id_Medline       ? 
_citation.details                   ? 
_citation.id                        primary 
_citation.journal_abbrev            Nature 
_citation.journal_id_ASTM           NATUAS 
_citation.journal_id_CSD            0006 
_citation.journal_id_ISSN           1476-4687 
_citation.journal_full              ? 
_citation.journal_issue             ? 
_citation.journal_volume            610 
_citation.language                  ? 
_citation.page_first                791 
_citation.page_last                 795 
_citation.title                     'Structures of alpha-synuclein filaments from human brains with Lewy pathology.' 
_citation.year                      2022 
_citation.database_id_CSD           ? 
_citation.pdbx_database_id_DOI      10.1038/s41586-022-05319-3 
_citation.pdbx_database_id_PubMed   36108674 
_citation.pdbx_database_id_patent   ? 
_citation.unpublished_flag          ? 
# 
loop_
_citation_author.citation_id 
_citation_author.name 
_citation_author.ordinal 
_citation_author.identifier_ORCID 
primary 'Yang, Y.'          1  ? 
primary 'Shi, Y.'           2  ? 
primary 'Schweighauser, M.' 3  ? 
primary 'Zhang, X.'         4  ? 
primary 'Kotecha, A.'       5  ? 
primary 'Murzin, A.G.'      6  ? 
primary 'Garringer, H.J.'   7  ? 
primary 'Cullinane, P.W.'   8  ? 
primary 'Saito, Y.'         9  ? 
primary 'Foroud, T.'        10 ? 
primary 'Warner, T.T.'      11 ? 
primary 'Hasegawa, K.'      12 ? 
primary 'Vidal, R.'         13 ? 
primary 'Murayama, S.'      14 ? 
primary 'Revesz, T.'        15 ? 
primary 'Ghetti, B.'        16 ? 
primary 'Hasegawa, M.'      17 ? 
primary 'Lashley, T.'       18 ? 
primary 'Scheres, S.H.W.'   19 ? 
primary 'Goedert, M.'       20 ? 
# 
loop_
_entity.id 
_entity.type 
_entity.src_method 
_entity.pdbx_description 
_entity.formula_weight 
_entity.pdbx_number_of_molecules 
_entity.pdbx_ec 
_entity.pdbx_mutation 
_entity.pdbx_fragment 
_entity.details 
1 polymer nat Alpha-synuclein    14476.108 1 ? ? ? ? 
2 polymer nat 'Unknown fragment' 783.958   1 ? ? ? ? 
3 polymer nat 'Unknown fragment' 627.775   1 ? ? ? ? 
4 water   nat water              18.015    6 ? ? ? ? 
# 
_entity_name_com.entity_id   1 
_entity_name_com.name        'Non-A beta component of AD amyloid,Non-A4 component of amyloid precursor,NACP' 
# 
loop_
_entity_poly.entity_id 
_entity_poly.type 
_entity_poly.nstd_linkage 
_entity_poly.nstd_monomer 
_entity_poly.pdbx_seq_one_letter_code 
_entity_poly.pdbx_seq_one_letter_code_can 
_entity_poly.pdbx_strand_id 
_entity_poly.pdbx_target_identifier 
1 'polypeptide(L)' no no 
;MDVFMKGLSKAKEGVVAAAEKTKQGVAEAAGKTKEGVLYVGSKTKEGVVHGVATVAEKTKEQVTNVGGAVVTGVTAVAQK
TVEGAGSIAAATGFVKKDQLGKNEEGAPQEGILEDMPVDPDNEAYEMPSEEGYQDYEPEA
;
;MDVFMKGLSKAKEGVVAAAEKTKQGVAEAAGKTKEGVLYVGSKTKEGVVHGVATVAEKTKEQVTNVGGAVVTGVTAVAQK
TVEGAGSIAAATGFVKKDQLGKNEEGAPQEGILEDMPVDPDNEAYEMPSEEGYQDYEPEA
;
A ? 
2 'polypeptide(L)' no no '(UNK)(UNK)(UNK)(UNK)(UNK)(UNK)(UNK)(UNK)(UNK)' XXXXXXXXX B ? 
3 'polypeptide(L)' no no '(UNK)(UNK)(UNK)(UNK)V(UNK)(UNK)' XXXXVXX C ? 
# 
_pdbx_entity_nonpoly.entity_id   4 
_pdbx_entity_nonpoly.name        water 
_pdbx_entity_nonpoly.comp_id     HOH 
# 
loop_
_entity_poly_seq.entity_id 
_entity_poly_seq.num 
_entity_poly_seq.mon_id 
_entity_poly_seq.hetero 
1 1   MET n 
1 2   ASP n 
1 3   VAL n 
1 4   PHE n 
1 5   MET n 
1 6   LYS n 
1 7   GLY n 
1 8   LEU n 
1 9   SER n 
1 10  LYS n 
1 11  ALA n 
1 12  LYS n 
1 13  GLU n 
1 14  GLY n 
1 15  VAL n 
1 16  VAL n 
1 17  ALA n 
1 18  ALA n 
1 19  ALA n 
1 20  GLU n 
1 21  LYS n 
1 22  THR n 
1 23  LYS n 
1 24  GLN n 
1 25  GLY n 
1 26  VAL n 
1 27  ALA n 
1 28  GLU n 
1 29  ALA n 
1 30  ALA n 
1 31  GLY n 
1 32  LYS n 
1 33  THR n 
1 34  LYS n 
1 35  GLU n 
1 36  GLY n 
1 37  VAL n 
1 38  LEU n 
1 39  TYR n 
1 40  VAL n 
1 41  GLY n 
1 42  SER n 
1 43  LYS n 
1 44  THR n 
1 45  LYS n 
1 46  GLU n 
1 47  GLY n 
1 48  VAL n 
1 49  VAL n 
1 50  HIS n 
1 51  GLY n 
1 52  VAL n 
1 53  ALA n 
1 54  THR n 
1 55  VAL n 
1 56  ALA n 
1 57  GLU n 
1 58  LYS n 
1 59  THR n 
1 60  LYS n 
1 61  GLU n 
1 62  GLN n 
1 63  VAL n 
1 64  THR n 
1 65  ASN n 
1 66  VAL n 
1 67  GLY n 
1 68  GLY n 
1 69  ALA n 
1 70  VAL n 
1 71  VAL n 
1 72  THR n 
1 73  GLY n 
1 74  VAL n 
1 75  THR n 
1 76  ALA n 
1 77  VAL n 
1 78  ALA n 
1 79  GLN n 
1 80  LYS n 
1 81  THR n 
1 82  VAL n 
1 83  GLU n 
1 84  GLY n 
1 85  ALA n 
1 86  GLY n 
1 87  SER n 
1 88  ILE n 
1 89  ALA n 
1 90  ALA n 
1 91  ALA n 
1 92  THR n 
1 93  GLY n 
1 94  PHE n 
1 95  VAL n 
1 96  LYS n 
1 97  LYS n 
1 98  ASP n 
1 99  GLN n 
1 100 LEU n 
1 101 GLY n 
1 102 LYS n 
1 103 ASN n 
1 104 GLU n 
1 105 GLU n 
1 106 GLY n 
1 107 ALA n 
1 108 PRO n 
1 109 GLN n 
1 110 GLU n 
1 111 GLY n 
1 112 ILE n 
1 113 LEU n 
1 114 GLU n 
1 115 ASP n 
1 116 MET n 
1 117 PRO n 
1 118 VAL n 
1 119 ASP n 
1 120 PRO n 
1 121 ASP n 
1 122 ASN n 
1 123 GLU n 
1 124 ALA n 
1 125 TYR n 
1 126 GLU n 
1 127 MET n 
1 128 PRO n 
1 129 SER n 
1 130 GLU n 
1 131 GLU n 
1 132 GLY n 
1 133 TYR n 
1 134 GLN n 
1 135 ASP n 
1 136 TYR n 
1 137 GLU n 
1 138 PRO n 
1 139 GLU n 
1 140 ALA n 
2 1   UNK n 
2 2   UNK n 
2 3   UNK n 
2 4   UNK n 
2 5   UNK n 
2 6   UNK n 
2 7   UNK n 
2 8   UNK n 
2 9   UNK n 
3 1   UNK n 
3 2   UNK n 
3 3   UNK n 
3 4   UNK n 
3 5   VAL n 
3 6   UNK n 
3 7   UNK n 
# 
loop_
_entity_src_nat.entity_id 
_entity_src_nat.pdbx_src_id 
_entity_src_nat.pdbx_alt_source_flag 
_entity_src_nat.pdbx_beg_seq_num 
_entity_src_nat.pdbx_end_seq_num 
_entity_src_nat.common_name 
_entity_src_nat.pdbx_organism_scientific 
_entity_src_nat.pdbx_ncbi_taxonomy_id 
_entity_src_nat.genus 
_entity_src_nat.species 
_entity_src_nat.strain 
_entity_src_nat.tissue 
_entity_src_nat.tissue_fraction 
_entity_src_nat.pdbx_secretion 
_entity_src_nat.pdbx_fragment 
_entity_src_nat.pdbx_variant 
_entity_src_nat.pdbx_cell_line 
_entity_src_nat.pdbx_atcc 
_entity_src_nat.pdbx_cellular_location 
_entity_src_nat.pdbx_organ 
_entity_src_nat.pdbx_organelle 
_entity_src_nat.pdbx_cell 
_entity_src_nat.pdbx_plasmid_name 
_entity_src_nat.pdbx_plasmid_details 
_entity_src_nat.details 
1 1 sample 1 140 human 'Homo sapiens' 9606 ? ? ? ? ? ? ? ? ? ? ? ? ? ? ? ? ? 
2 1 sample 1 9   ?     'Homo sapiens' 9606 ? ? ? ? ? ? ? ? ? ? ? ? ? ? ? ? ? 
3 1 sample 1 7   ?     'Homo sapiens' 9606 ? ? ? ? ? ? ? ? ? ? ? ? ? ? ? ? ? 
# 
loop_
_chem_comp.id 
_chem_comp.type 
_chem_comp.mon_nstd_flag 
_chem_comp.name 
_chem_comp.pdbx_synonyms 
_chem_comp.formula 
_chem_comp.formula_weight 
ALA 'L-peptide linking' y ALANINE         ? 'C3 H7 N O2'     89.093  
ASN 'L-peptide linking' y ASPARAGINE      ? 'C4 H8 N2 O3'    132.118 
ASP 'L-peptide linking' y 'ASPARTIC ACID' ? 'C4 H7 N O4'     133.103 
GLN 'L-peptide linking' y GLUTAMINE       ? 'C5 H10 N2 O3'   146.144 
GLU 'L-peptide linking' y 'GLUTAMIC ACID' ? 'C5 H9 N O4'     147.129 
GLY 'peptide linking'   y GLYCINE         ? 'C2 H5 N O2'     75.067  
HIS 'L-peptide linking' y HISTIDINE       ? 'C6 H10 N3 O2 1' 156.162 
HOH non-polymer         . WATER           ? 'H2 O'           18.015  
ILE 'L-peptide linking' y ISOLEUCINE      ? 'C6 H13 N O2'    131.173 
LEU 'L-peptide linking' y LEUCINE         ? 'C6 H13 N O2'    131.173 
LYS 'L-peptide linking' y LYSINE          ? 'C6 H15 N2 O2 1' 147.195 
MET 'L-peptide linking' y METHIONINE      ? 'C5 H11 N O2 S'  149.211 
PHE 'L-peptide linking' y PHENYLALANINE   ? 'C9 H11 N O2'    165.189 
PRO 'L-peptide linking' y PROLINE         ? 'C5 H9 N O2'     115.130 
SER 'L-peptide linking' y SERINE          ? 'C3 H7 N O3'     105.093 
THR 'L-peptide linking' y THREONINE       ? 'C4 H9 N O3'     119.119 
TYR 'L-peptide linking' y TYROSINE        ? 'C9 H11 N O3'    181.189 
UNK 'L-peptide linking' . UNKNOWN         ? 'C4 H9 N O2'     103.120 
VAL 'L-peptide linking' y VALINE          ? 'C5 H11 N O2'    117.146 
# 
loop_
_pdbx_poly_seq_scheme.asym_id 
_pdbx_poly_seq_scheme.entity_id 
_pdbx_poly_seq_scheme.seq_id 
_pdbx_poly_seq_scheme.mon_id 
_pdbx_poly_seq_scheme.ndb_seq_num 
_pdbx_poly_seq_scheme.pdb_seq_num 
_pdbx_poly_seq_scheme.auth_seq_num 
_pdbx_poly_seq_scheme.pdb_mon_id 
_pdbx_poly_seq_scheme.auth_mon_id 
_pdbx_poly_seq_scheme.pdb_strand_id 
_pdbx_poly_seq_scheme.pdb_ins_code 
_pdbx_poly_seq_scheme.hetero 
A 1 1   MET 1   1   ?   ?   ?   A . n 
A 1 2   ASP 2   2   ?   ?   ?   A . n 
A 1 3   VAL 3   3   ?   ?   ?   A . n 
A 1 4   PHE 4   4   ?   ?   ?   A . n 
A 1 5   MET 5   5   ?   ?   ?   A . n 
A 1 6   LYS 6   6   ?   ?   ?   A . n 
A 1 7   GLY 7   7   ?   ?   ?   A . n 
A 1 8   LEU 8   8   ?   ?   ?   A . n 
A 1 9   SER 9   9   ?   ?   ?   A . n 
A 1 10  LYS 10  10  ?   ?   ?   A . n 
A 1 11  ALA 11  11  ?   ?   ?   A . n 
A 1 12  LYS 12  12  ?   ?   ?   A . n 
A 1 13  GLU 13  13  ?   ?   ?   A . n 
A 1 14  GLY 14  14  ?   ?   ?   A . n 
A 1 15  VAL 15  15  ?   ?   ?   A . n 
A 1 16  VAL 16  16  ?   ?   ?   A . n 
A 1 17  ALA 17  17  ?   ?   ?   A . n 
A 1 18  ALA 18  18  ?   ?   ?   A . n 
A 1 19  ALA 19  19  ?   ?   ?   A . n 
A 1 20  GLU 20  20  ?   ?   ?   A . n 
A 1 21  LYS 21  21  ?   ?   ?   A . n 
A 1 22  THR 22  22  ?   ?   ?   A . n 
A 1 23  LYS 23  23  ?   ?   ?   A . n 
A 1 24  GLN 24  24  ?   ?   ?   A . n 
A 1 25  GLY 25  25  ?   ?   ?   A . n 
A 1 26  VAL 26  26  ?   ?   ?   A . n 
A 1 27  ALA 27  27  ?   ?   ?   A . n 
A 1 28  GLU 28  28  ?   ?   ?   A . n 
A 1 29  ALA 29  29  ?   ?   ?   A . n 
A 1 30  ALA 30  30  ?   ?   ?   A . n 
A 1 31  GLY 31  31  31  GLY GLY A . n 
A 1 32  LYS 32  32  32  LYS LYS A . n 
A 1 33  THR 33  33  33  THR THR A . n 
A 1 34  LYS 34  34  34  LYS LYS A . n 
A 1 35  GLU 35  35  35  GLU GLU A . n 
A 1 36  GLY 36  36  36  GLY GLY A . n 
A 1 37  VAL 37  37  37  VAL VAL A . n 
A 1 38  LEU 38  38  38  LEU LEU A . n 
A 1 39  TYR 39  39  39  TYR TYR A . n 
A 1 40  VAL 40  40  40  VAL VAL A . n 
A 1 41  GLY 41  41  41  GLY GLY A . n 
A 1 42  SER 42  42  42  SER SER A . n 
A 1 43  LYS 43  43  43  LYS LYS A . n 
A 1 44  THR 44  44  44  THR THR A . n 
A 1 45  LYS 45  45  45  LYS LYS A . n 
A 1 46  GLU 46  46  46  GLU GLU A . n 
A 1 47  GLY 47  47  47  GLY GLY A . n 
A 1 48  VAL 48  48  48  VAL VAL A . n 
A 1 49  VAL 49  49  49  VAL VAL A . n 
A 1 50  HIS 50  50  50  HIS HIS A . n 
A 1 51  GLY 51  51  51  GLY GLY A . n 
A 1 52  VAL 52  52  52  VAL VAL A . n 
A 1 53  ALA 53  53  53  ALA ALA A . n 
A 1 54  THR 54  54  54  THR THR A . n 
A 1 55  VAL 55  55  55  VAL VAL A . n 
A 1 56  ALA 56  56  56  ALA ALA A . n 
A 1 57  GLU 57  57  57  GLU GLU A . n 
A 1 58  LYS 58  58  58  LYS LYS A . n 
A 1 59  THR 59  59  59  THR THR A . n 
A 1 60  LYS 60  60  60  LYS LYS A . n 
A 1 61  GLU 61  61  61  GLU GLU A . n 
A 1 62  GLN 62  62  62  GLN GLN A . n 
A 1 63  VAL 63  63  63  VAL VAL A . n 
A 1 64  THR 64  64  64  THR THR A . n 
A 1 65  ASN 65  65  65  ASN ASN A . n 
A 1 66  VAL 66  66  66  VAL VAL A . n 
A 1 67  GLY 67  67  67  GLY GLY A . n 
A 1 68  GLY 68  68  68  GLY GLY A . n 
A 1 69  ALA 69  69  69  ALA ALA A . n 
A 1 70  VAL 70  70  70  VAL VAL A . n 
A 1 71  VAL 71  71  71  VAL VAL A . n 
A 1 72  THR 72  72  72  THR THR A . n 
A 1 73  GLY 73  73  73  GLY GLY A . n 
A 1 74  VAL 74  74  74  VAL VAL A . n 
A 1 75  THR 75  75  75  THR THR A . n 
A 1 76  ALA 76  76  76  ALA ALA A . n 
A 1 77  VAL 77  77  77  VAL VAL A . n 
A 1 78  ALA 78  78  78  ALA ALA A . n 
A 1 79  GLN 79  79  79  GLN GLN A . n 
A 1 80  LYS 80  80  80  LYS LYS A . n 
A 1 81  THR 81  81  81  THR THR A . n 
A 1 82  VAL 82  82  82  VAL VAL A . n 
A 1 83  GLU 83  83  83  GLU GLU A . n 
A 1 84  GLY 84  84  84  GLY GLY A . n 
A 1 85  ALA 85  85  85  ALA ALA A . n 
A 1 86  GLY 86  86  86  GLY GLY A . n 
A 1 87  SER 87  87  87  SER SER A . n 
A 1 88  ILE 88  88  88  ILE ILE A . n 
A 1 89  ALA 89  89  89  ALA ALA A . n 
A 1 90  ALA 90  90  90  ALA ALA A . n 
A 1 91  ALA 91  91  91  ALA ALA A . n 
A 1 92  THR 92  92  92  THR THR A . n 
A 1 93  GLY 93  93  93  GLY GLY A . n 
A 1 94  PHE 94  94  94  PHE PHE A . n 
A 1 95  VAL 95  95  95  VAL VAL A . n 
A 1 96  LYS 96  96  96  LYS LYS A . n 
A 1 97  LYS 97  97  97  LYS LYS A . n 
A 1 98  ASP 98  98  98  ASP ASP A . n 
A 1 99  GLN 99  99  99  GLN GLN A . n 
A 1 100 LEU 100 100 100 LEU LEU A . n 
A 1 101 GLY 101 101 ?   ?   ?   A . n 
A 1 102 LYS 102 102 ?   ?   ?   A . n 
A 1 103 ASN 103 103 ?   ?   ?   A . n 
A 1 104 GLU 104 104 ?   ?   ?   A . n 
A 1 105 GLU 105 105 ?   ?   ?   A . n 
A 1 106 GLY 106 106 ?   ?   ?   A . n 
A 1 107 ALA 107 107 ?   ?   ?   A . n 
A 1 108 PRO 108 108 ?   ?   ?   A . n 
A 1 109 GLN 109 109 ?   ?   ?   A . n 
A 1 110 GLU 110 110 ?   ?   ?   A . n 
A 1 111 GLY 111 111 ?   ?   ?   A . n 
A 1 112 ILE 112 112 ?   ?   ?   A . n 
A 1 113 LEU 113 113 ?   ?   ?   A . n 
A 1 114 GLU 114 114 ?   ?   ?   A . n 
A 1 115 ASP 115 115 ?   ?   ?   A . n 
A 1 116 MET 116 116 ?   ?   ?   A . n 
A 1 117 PRO 117 117 ?   ?   ?   A . n 
A 1 118 VAL 118 118 ?   ?   ?   A . n 
A 1 119 ASP 119 119 ?   ?   ?   A . n 
A 1 120 PRO 120 120 ?   ?   ?   A . n 
A 1 121 ASP 121 121 ?   ?   ?   A . n 
A 1 122 ASN 122 122 ?   ?   ?   A . n 
A 1 123 GLU 123 123 ?   ?   ?   A . n 
A 1 124 ALA 124 124 ?   ?   ?   A . n 
A 1 125 TYR 125 125 ?   ?   ?   A . n 
A 1 126 GLU 126 126 ?   ?   ?   A . n 
A 1 127 MET 127 127 ?   ?   ?   A . n 
A 1 128 PRO 128 128 ?   ?   ?   A . n 
A 1 129 SER 129 129 ?   ?   ?   A . n 
A 1 130 GLU 130 130 ?   ?   ?   A . n 
A 1 131 GLU 131 131 ?   ?   ?   A . n 
A 1 132 GLY 132 132 ?   ?   ?   A . n 
A 1 133 TYR 133 133 ?   ?   ?   A . n 
A 1 134 GLN 134 134 ?   ?   ?   A . n 
A 1 135 ASP 135 135 ?   ?   ?   A . n 
A 1 136 TYR 136 136 ?   ?   ?   A . n 
A 1 137 GLU 137 137 ?   ?   ?   A . n 
A 1 138 PRO 138 138 ?   ?   ?   A . n 
A 1 139 GLU 139 139 ?   ?   ?   A . n 
A 1 140 ALA 140 140 ?   ?   ?   A . n 
B 2 1   UNK 1   1   4   UNK ALA B . n 
B 2 2   UNK 2   2   5   UNK ALA B . n 
B 2 3   UNK 3   3   6   UNK ALA B . n 
B 2 4   UNK 4   4   7   UNK ALA B . n 
B 2 5   UNK 5   5   8   UNK ALA B . n 
B 2 6   UNK 6   6   9   UNK ALA B . n 
B 2 7   UNK 7   7   10  UNK ALA B . n 
B 2 8   UNK 8   8   11  UNK ALA B . n 
B 2 9   UNK 9   9   12  UNK ALA B . n 
C 3 1   UNK 1   1   108 UNK ALA C . n 
C 3 2   UNK 2   2   109 UNK ALA C . n 
C 3 3   UNK 3   3   110 UNK ALA C . n 
C 3 4   UNK 4   4   111 UNK ALA C . n 
C 3 5   VAL 5   5   112 VAL VAL C . n 
C 3 6   UNK 6   6   113 UNK ALA C . n 
C 3 7   UNK 7   7   114 UNK ALA C . n 
# 
loop_
_pdbx_nonpoly_scheme.asym_id 
_pdbx_nonpoly_scheme.entity_id 
_pdbx_nonpoly_scheme.mon_id 
_pdbx_nonpoly_scheme.ndb_seq_num 
_pdbx_nonpoly_scheme.pdb_seq_num 
_pdbx_nonpoly_scheme.auth_seq_num 
_pdbx_nonpoly_scheme.pdb_mon_id 
_pdbx_nonpoly_scheme.auth_mon_id 
_pdbx_nonpoly_scheme.pdb_strand_id 
_pdbx_nonpoly_scheme.pdb_ins_code 
D 4 HOH 1 201 18 HOH HOH A . 
D 4 HOH 2 202 20 HOH HOH A . 
D 4 HOH 3 203 19 HOH HOH A . 
D 4 HOH 4 204 21 HOH HOH A . 
D 4 HOH 5 205 17 HOH HOH A . 
D 4 HOH 6 206 16 HOH HOH A . 
# 
_software.citation_id            ? 
_software.classification         refinement 
_software.compiler_name          ? 
_software.compiler_version       ? 
_software.contact_author         ? 
_software.contact_author_email   ? 
_software.date                   ? 
_software.description            ? 
_software.dependencies           ? 
_software.hardware               ? 
_software.language               ? 
_software.location               ? 
_software.mods                   ? 
_software.name                   REFMAC 
_software.os                     ? 
_software.os_version             ? 
_software.type                   ? 
_software.version                5.8.0350 
_software.pdbx_ordinal           1 
# 
_cell.angle_alpha                  90.00 
_cell.angle_alpha_esd              ? 
_cell.angle_beta                   90.00 
_cell.angle_beta_esd               ? 
_cell.angle_gamma                  90.00 
_cell.angle_gamma_esd              ? 
_cell.entry_id                     8A9L 
_cell.details                      ? 
_cell.formula_units_Z              ? 
_cell.length_a                     1.00 
_cell.length_a_esd                 ? 
_cell.length_b                     1.00 
_cell.length_b_esd                 ? 
_cell.length_c                     1.00 
_cell.length_c_esd                 ? 
_cell.volume                       ? 
_cell.volume_esd                   ? 
_cell.Z_PDB                        ? 
_cell.reciprocal_angle_alpha       ? 
_cell.reciprocal_angle_beta        ? 
_cell.reciprocal_angle_gamma       ? 
_cell.reciprocal_angle_alpha_esd   ? 
_cell.reciprocal_angle_beta_esd    ? 
_cell.reciprocal_angle_gamma_esd   ? 
_cell.reciprocal_length_a          ? 
_cell.reciprocal_length_b          ? 
_cell.reciprocal_length_c          ? 
_cell.reciprocal_length_a_esd      ? 
_cell.reciprocal_length_b_esd      ? 
_cell.reciprocal_length_c_esd      ? 
_cell.pdbx_unique_axis             ? 
_cell.pdbx_esd_method              ? 
# 
_symmetry.entry_id                         8A9L 
_symmetry.cell_setting                     ? 
_symmetry.Int_Tables_number                1 
_symmetry.space_group_name_Hall            ? 
_symmetry.space_group_name_H-M             'P 1' 
_symmetry.pdbx_full_space_group_name_H-M   ? 
# 
_exptl.absorpt_coefficient_mu     ? 
_exptl.absorpt_correction_T_max   ? 
_exptl.absorpt_correction_T_min   ? 
_exptl.absorpt_correction_type    ? 
_exptl.absorpt_process_details    ? 
_exptl.entry_id                   8A9L 
_exptl.crystals_number            ? 
_exptl.details                    ? 
_exptl.method                     'ELECTRON MICROSCOPY' 
_exptl.method_details             ? 
# 
_refine.aniso_B[1][1]                            ? 
_refine.aniso_B[1][2]                            ? 
_refine.aniso_B[1][3]                            ? 
_refine.aniso_B[2][2]                            ? 
_refine.aniso_B[2][3]                            ? 
_refine.aniso_B[3][3]                            ? 
_refine.B_iso_max                                ? 
_refine.B_iso_mean                               51.001 
_refine.B_iso_min                                ? 
_refine.correlation_coeff_Fo_to_Fc               0.769 
_refine.correlation_coeff_Fo_to_Fc_free          ? 
_refine.details                                  'HYDROGENS HAVE BEEN ADDED IN THE RIDING POSITIONS' 
_refine.diff_density_max                         ? 
_refine.diff_density_max_esd                     ? 
_refine.diff_density_min                         ? 
_refine.diff_density_min_esd                     ? 
_refine.diff_density_rms                         ? 
_refine.diff_density_rms_esd                     ? 
_refine.entry_id                                 8A9L 
_refine.pdbx_refine_id                           'ELECTRON MICROSCOPY' 
_refine.ls_abs_structure_details                 ? 
_refine.ls_abs_structure_Flack                   ? 
_refine.ls_abs_structure_Flack_esd               ? 
_refine.ls_abs_structure_Rogers                  ? 
_refine.ls_abs_structure_Rogers_esd              ? 
_refine.ls_d_res_high                            2.2 
_refine.ls_d_res_low                             2.2 
_refine.ls_extinction_coef                       ? 
_refine.ls_extinction_coef_esd                   ? 
_refine.ls_extinction_expression                 ? 
_refine.ls_extinction_method                     ? 
_refine.ls_goodness_of_fit_all                   ? 
_refine.ls_goodness_of_fit_all_esd               ? 
_refine.ls_goodness_of_fit_obs                   ? 
_refine.ls_goodness_of_fit_obs_esd               ? 
_refine.ls_hydrogen_treatment                    ? 
_refine.ls_matrix_type                           ? 
_refine.ls_number_constraints                    ? 
_refine.ls_number_parameters                     ? 
_refine.ls_number_reflns_all                     ? 
_refine.ls_number_reflns_obs                     65106 
_refine.ls_number_reflns_R_free                  ? 
_refine.ls_number_reflns_R_work                  ? 
_refine.ls_number_restraints                     ? 
_refine.ls_percent_reflns_obs                    100.00 
_refine.ls_percent_reflns_R_free                 ? 
_refine.ls_R_factor_all                          ? 
_refine.ls_R_factor_obs                          0.43496 
_refine.ls_R_factor_R_free                       ? 
_refine.ls_R_factor_R_free_error                 ? 
_refine.ls_R_factor_R_free_error_details         ? 
_refine.ls_R_factor_R_work                       0.43496 
_refine.ls_R_Fsqd_factor_obs                     ? 
_refine.ls_R_I_factor_obs                        ? 
_refine.ls_redundancy_reflns_all                 ? 
_refine.ls_redundancy_reflns_obs                 ? 
_refine.ls_restrained_S_all                      ? 
_refine.ls_restrained_S_obs                      ? 
_refine.ls_shift_over_esd_max                    ? 
_refine.ls_shift_over_esd_mean                   ? 
_refine.ls_structure_factor_coef                 ? 
_refine.ls_weighting_details                     ? 
_refine.ls_weighting_scheme                      ? 
_refine.ls_wR_factor_all                         ? 
_refine.ls_wR_factor_obs                         ? 
_refine.ls_wR_factor_R_free                      ? 
_refine.ls_wR_factor_R_work                      ? 
_refine.occupancy_max                            ? 
_refine.occupancy_min                            ? 
_refine.solvent_model_details                    'PARAMETERS FOR MASK CACLULATION' 
_refine.solvent_model_param_bsol                 ? 
_refine.solvent_model_param_ksol                 ? 
_refine.pdbx_R_complete                          ? 
_refine.ls_R_factor_gt                           ? 
_refine.ls_goodness_of_fit_gt                    ? 
_refine.ls_goodness_of_fit_ref                   ? 
_refine.ls_shift_over_su_max                     ? 
_refine.ls_shift_over_su_max_lt                  ? 
_refine.ls_shift_over_su_mean                    ? 
_refine.ls_shift_over_su_mean_lt                 ? 
_refine.pdbx_ls_sigma_I                          ? 
_refine.pdbx_ls_sigma_F                          ? 
_refine.pdbx_ls_sigma_Fsqd                       ? 
_refine.pdbx_data_cutoff_high_absF               ? 
_refine.pdbx_data_cutoff_high_rms_absF           ? 
_refine.pdbx_data_cutoff_low_absF                ? 
_refine.pdbx_isotropic_thermal_model             ? 
_refine.pdbx_ls_cross_valid_method               ? 
_refine.pdbx_method_to_determine_struct          ? 
_refine.pdbx_starting_model                      ? 
_refine.pdbx_stereochemistry_target_values       'MAXIMUM LIKELIHOOD WITH PHASES' 
_refine.pdbx_R_Free_selection_details            ? 
_refine.pdbx_stereochem_target_val_spec_case     ? 
_refine.pdbx_overall_ESU_R                       0.090 
_refine.pdbx_overall_ESU_R_Free                  ? 
_refine.pdbx_solvent_vdw_probe_radii             ? 
_refine.pdbx_solvent_ion_probe_radii             ? 
_refine.pdbx_solvent_shrinkage_radii             ? 
_refine.pdbx_real_space_R                        ? 
_refine.pdbx_density_correlation                 ? 
_refine.pdbx_pd_number_of_powder_patterns        ? 
_refine.pdbx_pd_number_of_points                 ? 
_refine.pdbx_pd_meas_number_of_points            ? 
_refine.pdbx_pd_proc_ls_prof_R_factor            ? 
_refine.pdbx_pd_proc_ls_prof_wR_factor           ? 
_refine.pdbx_pd_Marquardt_correlation_coeff      ? 
_refine.pdbx_pd_Fsqrd_R_factor                   ? 
_refine.pdbx_pd_ls_matrix_band_width             ? 
_refine.pdbx_overall_phase_error                 ? 
_refine.pdbx_overall_SU_R_free_Cruickshank_DPI   ? 
_refine.pdbx_overall_SU_R_free_Blow_DPI          ? 
_refine.pdbx_overall_SU_R_Blow_DPI               ? 
_refine.pdbx_TLS_residual_ADP_flag               ? 
_refine.pdbx_diffrn_id                           ? 
_refine.overall_SU_B                             5.034 
_refine.overall_SU_ML                            0.126 
_refine.overall_SU_R_Cruickshank_DPI             ? 
_refine.overall_SU_R_free                        ? 
_refine.overall_FOM_free_R_set                   ? 
_refine.overall_FOM_work_R_set                   ? 
_refine.pdbx_average_fsc_overall                 ? 
_refine.pdbx_average_fsc_work                    ? 
_refine.pdbx_average_fsc_free                    ? 
# 
_refine_hist.pdbx_refine_id                   'ELECTRON MICROSCOPY' 
_refine_hist.cycle_id                         1 
_refine_hist.details                          ? 
_refine_hist.d_res_high                       . 
_refine_hist.d_res_low                        . 
_refine_hist.number_atoms_solvent             ? 
_refine_hist.number_atoms_total               576 
_refine_hist.number_reflns_all                ? 
_refine_hist.number_reflns_obs                ? 
_refine_hist.number_reflns_R_free             ? 
_refine_hist.number_reflns_R_work             ? 
_refine_hist.R_factor_all                     ? 
_refine_hist.R_factor_obs                     ? 
_refine_hist.R_factor_R_free                  ? 
_refine_hist.R_factor_R_work                  ? 
_refine_hist.pdbx_number_residues_total       ? 
_refine_hist.pdbx_B_iso_mean_ligand           ? 
_refine_hist.pdbx_B_iso_mean_solvent          ? 
_refine_hist.pdbx_number_atoms_protein        ? 
_refine_hist.pdbx_number_atoms_nucleic_acid   ? 
_refine_hist.pdbx_number_atoms_ligand         ? 
_refine_hist.pdbx_number_atoms_lipid          ? 
_refine_hist.pdbx_number_atoms_carb           ? 
_refine_hist.pdbx_pseudo_atom_details         ? 
# 
loop_
_refine_ls_restr.pdbx_refine_id 
_refine_ls_restr.criterion 
_refine_ls_restr.dev_ideal 
_refine_ls_restr.dev_ideal_target 
_refine_ls_restr.number 
_refine_ls_restr.rejects 
_refine_ls_restr.type 
_refine_ls_restr.weight 
_refine_ls_restr.pdbx_restraint_function 
'ELECTRON MICROSCOPY' ? 0.006  0.012  570  ? r_bond_refined_d             ? ? 
'ELECTRON MICROSCOPY' ? 0.001  0.016  585  ? r_bond_other_d               ? ? 
'ELECTRON MICROSCOPY' ? 1.155  1.624  769  ? r_angle_refined_deg          ? ? 
'ELECTRON MICROSCOPY' ? 0.424  1.568  1345 ? r_angle_other_deg            ? ? 
'ELECTRON MICROSCOPY' ? 6.820  5.000  83   ? r_dihedral_angle_1_deg       ? ? 
'ELECTRON MICROSCOPY' ? ?      ?      ?    ? r_dihedral_angle_2_deg       ? ? 
'ELECTRON MICROSCOPY' ? 7.682  10.000 89   ? r_dihedral_angle_3_deg       ? ? 
'ELECTRON MICROSCOPY' ? ?      ?      ?    ? r_dihedral_angle_4_deg       ? ? 
'ELECTRON MICROSCOPY' ? 0.054  0.200  102  ? r_chiral_restr               ? ? 
'ELECTRON MICROSCOPY' ? 0.006  0.020  642  ? r_gen_planes_refined         ? ? 
'ELECTRON MICROSCOPY' ? 0.001  0.020  94   ? r_gen_planes_other           ? ? 
'ELECTRON MICROSCOPY' ? ?      ?      ?    ? r_nbd_refined                ? ? 
'ELECTRON MICROSCOPY' ? ?      ?      ?    ? r_nbd_other                  ? ? 
'ELECTRON MICROSCOPY' ? ?      ?      ?    ? r_nbtor_refined              ? ? 
'ELECTRON MICROSCOPY' ? ?      ?      ?    ? r_nbtor_other                ? ? 
'ELECTRON MICROSCOPY' ? ?      ?      ?    ? r_xyhbond_nbd_refined        ? ? 
'ELECTRON MICROSCOPY' ? ?      ?      ?    ? r_xyhbond_nbd_other          ? ? 
'ELECTRON MICROSCOPY' ? ?      ?      ?    ? r_metal_ion_refined          ? ? 
'ELECTRON MICROSCOPY' ? ?      ?      ?    ? r_metal_ion_other            ? ? 
'ELECTRON MICROSCOPY' ? ?      ?      ?    ? r_symmetry_vdw_refined       ? ? 
'ELECTRON MICROSCOPY' ? ?      ?      ?    ? r_symmetry_vdw_other         ? ? 
'ELECTRON MICROSCOPY' ? ?      ?      ?    ? r_symmetry_hbond_refined     ? ? 
'ELECTRON MICROSCOPY' ? ?      ?      ?    ? r_symmetry_hbond_other       ? ? 
'ELECTRON MICROSCOPY' ? ?      ?      ?    ? r_symmetry_metal_ion_refined ? ? 
'ELECTRON MICROSCOPY' ? ?      ?      ?    ? r_symmetry_metal_ion_other   ? ? 
'ELECTRON MICROSCOPY' ? 4.905  4.783  341  ? r_mcbond_it                  ? ? 
'ELECTRON MICROSCOPY' ? 4.902  4.781  341  ? r_mcbond_other               ? ? 
'ELECTRON MICROSCOPY' ? 7.298  7.117  421  ? r_mcangle_it                 ? ? 
'ELECTRON MICROSCOPY' ? 7.294  7.133  422  ? r_mcangle_other              ? ? 
'ELECTRON MICROSCOPY' ? 5.915  5.573  229  ? r_scbond_it                  ? ? 
'ELECTRON MICROSCOPY' ? 5.902  5.586  230  ? r_scbond_other               ? ? 
'ELECTRON MICROSCOPY' ? ?      ?      ?    ? r_scangle_it                 ? ? 
'ELECTRON MICROSCOPY' ? 9.127  7.964  349  ? r_scangle_other              ? ? 
'ELECTRON MICROSCOPY' ? 11.798 56.690 477  ? r_long_range_B_refined       ? ? 
'ELECTRON MICROSCOPY' ? 11.786 56.836 478  ? r_long_range_B_other         ? ? 
'ELECTRON MICROSCOPY' ? ?      ?      ?    ? r_rigid_bond_restr           ? ? 
'ELECTRON MICROSCOPY' ? ?      ?      ?    ? r_sphericity_free            ? ? 
'ELECTRON MICROSCOPY' ? ?      ?      ?    ? r_sphericity_bonded          ? ? 
# 
_refine_ls_shell.pdbx_refine_id                   'ELECTRON MICROSCOPY' 
_refine_ls_shell.d_res_high                       2.160 
_refine_ls_shell.d_res_low                        2.216 
_refine_ls_shell.number_reflns_all                ? 
_refine_ls_shell.number_reflns_obs                ? 
_refine_ls_shell.number_reflns_R_free             0 
_refine_ls_shell.number_reflns_R_work             4828 
_refine_ls_shell.percent_reflns_obs               100.00 
_refine_ls_shell.percent_reflns_R_free            ? 
_refine_ls_shell.R_factor_all                     ? 
_refine_ls_shell.R_factor_obs                     ? 
_refine_ls_shell.R_factor_R_free                  0.000 
_refine_ls_shell.R_factor_R_free_error            ? 
_refine_ls_shell.R_factor_R_work                  1.081 
_refine_ls_shell.redundancy_reflns_all            ? 
_refine_ls_shell.redundancy_reflns_obs            ? 
_refine_ls_shell.wR_factor_all                    ? 
_refine_ls_shell.wR_factor_obs                    ? 
_refine_ls_shell.wR_factor_R_free                 ? 
_refine_ls_shell.wR_factor_R_work                 ? 
_refine_ls_shell.pdbx_R_complete                  ? 
_refine_ls_shell.pdbx_total_number_of_bins_used   20 
_refine_ls_shell.pdbx_phase_error                 ? 
_refine_ls_shell.pdbx_fsc_work                    ? 
_refine_ls_shell.pdbx_fsc_free                    ? 
# 
loop_
_struct_ncs_oper.id 
_struct_ncs_oper.code 
_struct_ncs_oper.details 
_struct_ncs_oper.matrix[1][1] 
_struct_ncs_oper.matrix[1][2] 
_struct_ncs_oper.matrix[1][3] 
_struct_ncs_oper.matrix[2][1] 
_struct_ncs_oper.matrix[2][2] 
_struct_ncs_oper.matrix[2][3] 
_struct_ncs_oper.matrix[3][1] 
_struct_ncs_oper.matrix[3][2] 
_struct_ncs_oper.matrix[3][3] 
_struct_ncs_oper.vector[1] 
_struct_ncs_oper.vector[2] 
_struct_ncs_oper.vector[3] 
1 given    ? 1.000000   0.000000    0.000000    0.000000    1.000000   0.000000    0.000000    0.000000    1.000000   0.00000  0.00000  0.00000  
2 generate ? 0.99993779 0.00416305  -0.01034984 -0.00445253 0.99959493 -0.02811332 0.01022864  0.02815764  0.99955128 8.91310  -3.11350 -1.36030 
3 generate ? 0.99998438 0.00211784  -0.00516052 -0.00219052 0.99989829 -0.01406403 0.00513009  0.01407516  0.99988733 4.45646  -1.55678 -0.68066 
4 generate ? 0.99998438 -0.00219052 0.00513009  0.00211784  0.99989829 0.01407516  -0.00516052 -0.01406403 0.99988733 -4.45633 1.55671  0.68166  
5 generate ? 0.99993779 -0.00445253 0.01022864  0.00416305  0.99959493 0.02815764  -0.01034984 -0.02811332 0.99955128 -8.91249 3.11345  1.36441  
# 
_struct.entry_id                     8A9L 
_struct.title                        
;Cryo-EM structure of alpha-synuclein filaments from Parkinson's disease and dementia with Lewy bodies
;
_struct.pdbx_model_details           ? 
_struct.pdbx_formula_weight          ? 
_struct.pdbx_formula_weight_method   ? 
_struct.pdbx_model_type_details      ? 
_struct.pdbx_CASP_flag               N 
# 
_struct_keywords.entry_id        8A9L 
_struct_keywords.text            
;alpha-synuclein, amyloid, fibril, Parkinson's disease (PD), Parkinson's disease dementia (PDD), dementia with Lewy bodies (DLB), synucleinopathy, PROTEIN FIBRIL
;
_struct_keywords.pdbx_keywords   'PROTEIN FIBRIL' 
# 
loop_
_struct_asym.id 
_struct_asym.pdbx_blank_PDB_chainid_flag 
_struct_asym.pdbx_modified 
_struct_asym.entity_id 
_struct_asym.details 
A N N 1 ? 
B N N 2 ? 
C N N 3 ? 
D N N 4 ? 
# 
loop_
_struct_ref.id 
_struct_ref.db_name 
_struct_ref.db_code 
_struct_ref.pdbx_db_accession 
_struct_ref.pdbx_db_isoform 
_struct_ref.entity_id 
_struct_ref.pdbx_seq_one_letter_code 
_struct_ref.pdbx_align_begin 
1 UNP SYUA_HUMAN P37840 ? 1 
;MDVFMKGLSKAKEGVVAAAEKTKQGVAEAAGKTKEGVLYVGSKTKEGVVHGVATVAEKTKEQVTNVGGAVVTGVTAVAQK
TVEGAGSIAAATGFVKKDQLGKNEEGAPQEGILEDMPVDPDNEAYEMPSEEGYQDYEPEA
;
1 
2 PDB 8A9L       8A9L   ? 2 ? 1 
3 PDB 8A9L       8A9L   ? 3 ? 1 
# 
loop_
_struct_ref_seq.align_id 
_struct_ref_seq.ref_id 
_struct_ref_seq.pdbx_PDB_id_code 
_struct_ref_seq.pdbx_strand_id 
_struct_ref_seq.seq_align_beg 
_struct_ref_seq.pdbx_seq_align_beg_ins_code 
_struct_ref_seq.seq_align_end 
_struct_ref_seq.pdbx_seq_align_end_ins_code 
_struct_ref_seq.pdbx_db_accession 
_struct_ref_seq.db_align_beg 
_struct_ref_seq.pdbx_db_align_beg_ins_code 
_struct_ref_seq.db_align_end 
_struct_ref_seq.pdbx_db_align_end_ins_code 
_struct_ref_seq.pdbx_auth_seq_align_beg 
_struct_ref_seq.pdbx_auth_seq_align_end 
1 1 8A9L A 1 ? 140 ? P37840 1 ? 140 ? 1 140 
2 2 8A9L B 1 ? 9   ? 8A9L   1 ? 9   ? 1 9   
3 3 8A9L C 1 ? 7   ? 8A9L   1 ? 7   ? 1 7   
# 
_pdbx_struct_assembly.id                   1 
_pdbx_struct_assembly.details              author_defined_assembly 
_pdbx_struct_assembly.method_details       ? 
_pdbx_struct_assembly.oligomeric_details   Trimeric 
_pdbx_struct_assembly.oligomeric_count     3 
# 
_pdbx_struct_assembly_gen.assembly_id       1 
_pdbx_struct_assembly_gen.oper_expression   1,2,3 
_pdbx_struct_assembly_gen.asym_id_list      A,B,C,D 
# 
_pdbx_struct_assembly_auth_evidence.id                     1 
_pdbx_struct_assembly_auth_evidence.assembly_id            1 
_pdbx_struct_assembly_auth_evidence.experimental_support   microscopy 
_pdbx_struct_assembly_auth_evidence.details                ? 
# 
loop_
_pdbx_struct_oper_list.id 
_pdbx_struct_oper_list.type 
_pdbx_struct_oper_list.name 
_pdbx_struct_oper_list.symmetry_operation 
_pdbx_struct_oper_list.matrix[1][1] 
_pdbx_struct_oper_list.matrix[1][2] 
_pdbx_struct_oper_list.matrix[1][3] 
_pdbx_struct_oper_list.vector[1] 
_pdbx_struct_oper_list.matrix[2][1] 
_pdbx_struct_oper_list.matrix[2][2] 
_pdbx_struct_oper_list.matrix[2][3] 
_pdbx_struct_oper_list.vector[2] 
_pdbx_struct_oper_list.matrix[3][1] 
_pdbx_struct_oper_list.matrix[3][2] 
_pdbx_struct_oper_list.matrix[3][3] 
_pdbx_struct_oper_list.vector[3] 
1 'identity operation'       1_555 x,y,z 1          0           0           0        0           1          0           0        0           0           1          0        
2 'point symmetry operation' ?     ?     0.99998438 0.00211784  -0.00516052 4.45646  -0.00219052 0.99989829 -0.01406403 -1.55678 0.00513009  0.01407516  0.99988733 -0.68066 
3 'point symmetry operation' ?     ?     0.99998438 -0.00219052 0.00513009  -4.45633 0.00211784  0.99989829 0.01407516  1.55671  -0.00516052 -0.01406403 0.99988733 0.68166  
# 
loop_
_pdbx_validate_torsion.id 
_pdbx_validate_torsion.PDB_model_num 
_pdbx_validate_torsion.auth_comp_id 
_pdbx_validate_torsion.auth_asym_id 
_pdbx_validate_torsion.auth_seq_id 
_pdbx_validate_torsion.PDB_ins_code 
_pdbx_validate_torsion.label_alt_id 
_pdbx_validate_torsion.phi 
_pdbx_validate_torsion.psi 
1 1 HIS A 50 ? ? -85.14  -72.70 
2 1 UNK C 6  ? ? -158.99 86.90  
# 
_em_3d_fitting.entry_id          8A9L 
_em_3d_fitting.id                1 
_em_3d_fitting.details           ? 
_em_3d_fitting.overall_b_value   ? 
_em_3d_fitting.ref_protocol      ? 
_em_3d_fitting.ref_space         ? 
_em_3d_fitting.target_criteria   ? 
_em_3d_fitting.method            ? 
# 
_em_3d_reconstruction.entry_id                    8A9L 
_em_3d_reconstruction.id                          1 
_em_3d_reconstruction.algorithm                   ? 
_em_3d_reconstruction.details                     ? 
_em_3d_reconstruction.refinement_type             ? 
_em_3d_reconstruction.image_processing_id         1 
_em_3d_reconstruction.num_class_averages          ? 
_em_3d_reconstruction.num_particles               68330 
_em_3d_reconstruction.resolution                  2.2 
_em_3d_reconstruction.resolution_method           'FSC 0.143 CUT-OFF' 
_em_3d_reconstruction.symmetry_type               HELICAL 
_em_3d_reconstruction.method                      ? 
_em_3d_reconstruction.nominal_pixel_size          ? 
_em_3d_reconstruction.actual_pixel_size           ? 
_em_3d_reconstruction.magnification_calibration   ? 
# 
_em_buffer.id            1 
_em_buffer.details       ? 
_em_buffer.pH            7.5 
_em_buffer.specimen_id   1 
_em_buffer.name          ? 
# 
_em_entity_assembly.id                   1 
_em_entity_assembly.parent_id            0 
_em_entity_assembly.details              ? 
_em_entity_assembly.name                 'Alpha-synuclein filaments extracted from the human brain with PD, PDD, and DLB' 
_em_entity_assembly.source               NATURAL 
_em_entity_assembly.type                 TISSUE 
_em_entity_assembly.entity_id_list       1,2,3 
_em_entity_assembly.synonym              ? 
_em_entity_assembly.oligomeric_details   ? 
# 
_em_imaging.id                              1 
_em_imaging.entry_id                        8A9L 
_em_imaging.accelerating_voltage            300 
_em_imaging.alignment_procedure             ? 
_em_imaging.c2_aperture_diameter            ? 
_em_imaging.calibrated_defocus_max          ? 
_em_imaging.calibrated_defocus_min          ? 
_em_imaging.calibrated_magnification        ? 
_em_imaging.cryogen                         ? 
_em_imaging.details                         ? 
_em_imaging.electron_source                 'FIELD EMISSION GUN' 
_em_imaging.illumination_mode               'FLOOD BEAM' 
_em_imaging.microscope_model                'FEI TITAN KRIOS' 
_em_imaging.mode                            'BRIGHT FIELD' 
_em_imaging.nominal_cs                      ? 
_em_imaging.nominal_defocus_max             1400 
_em_imaging.nominal_defocus_min             600 
_em_imaging.nominal_magnification           ? 
_em_imaging.recording_temperature_maximum   ? 
_em_imaging.recording_temperature_minimum   ? 
_em_imaging.residual_tilt                   ? 
_em_imaging.specimen_holder_model           ? 
_em_imaging.specimen_id                     1 
_em_imaging.citation_id                     ? 
_em_imaging.date                            ? 
_em_imaging.temperature                     ? 
_em_imaging.tilt_angle_min                  ? 
_em_imaging.tilt_angle_max                  ? 
_em_imaging.astigmatism                     ? 
_em_imaging.detector_distance               ? 
_em_imaging.electron_beam_tilt_params       ? 
_em_imaging.specimen_holder_type            ? 
# 
_em_vitrification.id                    1 
_em_vitrification.specimen_id           1 
_em_vitrification.chamber_temperature   ? 
_em_vitrification.cryogen_name          ETHANE 
_em_vitrification.details               ? 
_em_vitrification.humidity              ? 
_em_vitrification.instrument            ? 
_em_vitrification.entry_id              8A9L 
_em_vitrification.citation_id           ? 
_em_vitrification.method                ? 
_em_vitrification.temp                  ? 
_em_vitrification.time_resolved_state   ? 
# 
_em_experiment.entry_id                8A9L 
_em_experiment.id                      1 
_em_experiment.aggregation_state       FILAMENT 
_em_experiment.reconstruction_method   HELICAL 
_em_experiment.entity_assembly_id      1 
# 
loop_
_pdbx_unobs_or_zero_occ_residues.id 
_pdbx_unobs_or_zero_occ_residues.PDB_model_num 
_pdbx_unobs_or_zero_occ_residues.polymer_flag 
_pdbx_unobs_or_zero_occ_residues.occupancy_flag 
_pdbx_unobs_or_zero_occ_residues.auth_asym_id 
_pdbx_unobs_or_zero_occ_residues.auth_comp_id 
_pdbx_unobs_or_zero_occ_residues.auth_seq_id 
_pdbx_unobs_or_zero_occ_residues.PDB_ins_code 
_pdbx_unobs_or_zero_occ_residues.label_asym_id 
_pdbx_unobs_or_zero_occ_residues.label_comp_id 
_pdbx_unobs_or_zero_occ_residues.label_seq_id 
1  1 Y 1 A MET 1   ? A MET 1   
2  1 Y 1 A ASP 2   ? A ASP 2   
3  1 Y 1 A VAL 3   ? A VAL 3   
4  1 Y 1 A PHE 4   ? A PHE 4   
5  1 Y 1 A MET 5   ? A MET 5   
6  1 Y 1 A LYS 6   ? A LYS 6   
7  1 Y 1 A GLY 7   ? A GLY 7   
8  1 Y 1 A LEU 8   ? A LEU 8   
9  1 Y 1 A SER 9   ? A SER 9   
10 1 Y 1 A LYS 10  ? A LYS 10  
11 1 Y 1 A ALA 11  ? A ALA 11  
12 1 Y 1 A LYS 12  ? A LYS 12  
13 1 Y 1 A GLU 13  ? A GLU 13  
14 1 Y 1 A GLY 14  ? A GLY 14  
15 1 Y 1 A VAL 15  ? A VAL 15  
16 1 Y 1 A VAL 16  ? A VAL 16  
17 1 Y 1 A ALA 17  ? A ALA 17  
18 1 Y 1 A ALA 18  ? A ALA 18  
19 1 Y 1 A ALA 19  ? A ALA 19  
20 1 Y 1 A GLU 20  ? A GLU 20  
21 1 Y 1 A LYS 21  ? A LYS 21  
22 1 Y 1 A THR 22  ? A THR 22  
23 1 Y 1 A LYS 23  ? A LYS 23  
24 1 Y 1 A GLN 24  ? A GLN 24  
25 1 Y 1 A GLY 25  ? A GLY 25  
26 1 Y 1 A VAL 26  ? A VAL 26  
27 1 Y 1 A ALA 27  ? A ALA 27  
28 1 Y 1 A GLU 28  ? A GLU 28  
29 1 Y 1 A ALA 29  ? A ALA 29  
30 1 Y 1 A ALA 30  ? A ALA 30  
31 1 Y 1 A GLY 101 ? A GLY 101 
32 1 Y 1 A LYS 102 ? A LYS 102 
33 1 Y 1 A ASN 103 ? A ASN 103 
34 1 Y 1 A GLU 104 ? A GLU 104 
35 1 Y 1 A GLU 105 ? A GLU 105 
36 1 Y 1 A GLY 106 ? A GLY 106 
37 1 Y 1 A ALA 107 ? A ALA 107 
38 1 Y 1 A PRO 108 ? A PRO 108 
39 1 Y 1 A GLN 109 ? A GLN 109 
40 1 Y 1 A GLU 110 ? A GLU 110 
41 1 Y 1 A GLY 111 ? A GLY 111 
42 1 Y 1 A ILE 112 ? A ILE 112 
43 1 Y 1 A LEU 113 ? A LEU 113 
44 1 Y 1 A GLU 114 ? A GLU 114 
45 1 Y 1 A ASP 115 ? A ASP 115 
46 1 Y 1 A MET 116 ? A MET 116 
47 1 Y 1 A PRO 117 ? A PRO 117 
48 1 Y 1 A VAL 118 ? A VAL 118 
49 1 Y 1 A ASP 119 ? A ASP 119 
50 1 Y 1 A PRO 120 ? A PRO 120 
51 1 Y 1 A ASP 121 ? A ASP 121 
52 1 Y 1 A ASN 122 ? A ASN 122 
53 1 Y 1 A GLU 123 ? A GLU 123 
54 1 Y 1 A ALA 124 ? A ALA 124 
55 1 Y 1 A TYR 125 ? A TYR 125 
56 1 Y 1 A GLU 126 ? A GLU 126 
57 1 Y 1 A MET 127 ? A MET 127 
58 1 Y 1 A PRO 128 ? A PRO 128 
59 1 Y 1 A SER 129 ? A SER 129 
60 1 Y 1 A GLU 130 ? A GLU 130 
61 1 Y 1 A GLU 131 ? A GLU 131 
62 1 Y 1 A GLY 132 ? A GLY 132 
63 1 Y 1 A TYR 133 ? A TYR 133 
64 1 Y 1 A GLN 134 ? A GLN 134 
65 1 Y 1 A ASP 135 ? A ASP 135 
66 1 Y 1 A TYR 136 ? A TYR 136 
67 1 Y 1 A GLU 137 ? A GLU 137 
68 1 Y 1 A PRO 138 ? A PRO 138 
69 1 Y 1 A GLU 139 ? A GLU 139 
70 1 Y 1 A ALA 140 ? A ALA 140 
# 
loop_
_chem_comp_atom.comp_id 
_chem_comp_atom.atom_id 
_chem_comp_atom.type_symbol 
_chem_comp_atom.pdbx_aromatic_flag 
_chem_comp_atom.pdbx_stereo_config 
_chem_comp_atom.pdbx_ordinal 
ALA N    N N N 1   
ALA CA   C N S 2   
ALA C    C N N 3   
ALA O    O N N 4   
ALA CB   C N N 5   
ALA OXT  O N N 6   
ALA H    H N N 7   
ALA H2   H N N 8   
ALA HA   H N N 9   
ALA HB1  H N N 10  
ALA HB2  H N N 11  
ALA HB3  H N N 12  
ALA HXT  H N N 13  
ASN N    N N N 14  
ASN CA   C N S 15  
ASN C    C N N 16  
ASN O    O N N 17  
ASN CB   C N N 18  
ASN CG   C N N 19  
ASN OD1  O N N 20  
ASN ND2  N N N 21  
ASN OXT  O N N 22  
ASN H    H N N 23  
ASN H2   H N N 24  
ASN HA   H N N 25  
ASN HB2  H N N 26  
ASN HB3  H N N 27  
ASN HD21 H N N 28  
ASN HD22 H N N 29  
ASN HXT  H N N 30  
ASP N    N N N 31  
ASP CA   C N S 32  
ASP C    C N N 33  
ASP O    O N N 34  
ASP CB   C N N 35  
ASP CG   C N N 36  
ASP OD1  O N N 37  
ASP OD2  O N N 38  
ASP OXT  O N N 39  
ASP H    H N N 40  
ASP H2   H N N 41  
ASP HA   H N N 42  
ASP HB2  H N N 43  
ASP HB3  H N N 44  
ASP HD2  H N N 45  
ASP HXT  H N N 46  
GLN N    N N N 47  
GLN CA   C N S 48  
GLN C    C N N 49  
GLN O    O N N 50  
GLN CB   C N N 51  
GLN CG   C N N 52  
GLN CD   C N N 53  
GLN OE1  O N N 54  
GLN NE2  N N N 55  
GLN OXT  O N N 56  
GLN H    H N N 57  
GLN H2   H N N 58  
GLN HA   H N N 59  
GLN HB2  H N N 60  
GLN HB3  H N N 61  
GLN HG2  H N N 62  
GLN HG3  H N N 63  
GLN HE21 H N N 64  
GLN HE22 H N N 65  
GLN HXT  H N N 66  
GLU N    N N N 67  
GLU CA   C N S 68  
GLU C    C N N 69  
GLU O    O N N 70  
GLU CB   C N N 71  
GLU CG   C N N 72  
GLU CD   C N N 73  
GLU OE1  O N N 74  
GLU OE2  O N N 75  
GLU OXT  O N N 76  
GLU H    H N N 77  
GLU H2   H N N 78  
GLU HA   H N N 79  
GLU HB2  H N N 80  
GLU HB3  H N N 81  
GLU HG2  H N N 82  
GLU HG3  H N N 83  
GLU HE2  H N N 84  
GLU HXT  H N N 85  
GLY N    N N N 86  
GLY CA   C N N 87  
GLY C    C N N 88  
GLY O    O N N 89  
GLY OXT  O N N 90  
GLY H    H N N 91  
GLY H2   H N N 92  
GLY HA2  H N N 93  
GLY HA3  H N N 94  
GLY HXT  H N N 95  
HIS N    N N N 96  
HIS CA   C N S 97  
HIS C    C N N 98  
HIS O    O N N 99  
HIS CB   C N N 100 
HIS CG   C Y N 101 
HIS ND1  N Y N 102 
HIS CD2  C Y N 103 
HIS CE1  C Y N 104 
HIS NE2  N Y N 105 
HIS OXT  O N N 106 
HIS H    H N N 107 
HIS H2   H N N 108 
HIS HA   H N N 109 
HIS HB2  H N N 110 
HIS HB3  H N N 111 
HIS HD1  H N N 112 
HIS HD2  H N N 113 
HIS HE1  H N N 114 
HIS HE2  H N N 115 
HIS HXT  H N N 116 
HOH O    O N N 117 
HOH H1   H N N 118 
HOH H2   H N N 119 
ILE N    N N N 120 
ILE CA   C N S 121 
ILE C    C N N 122 
ILE O    O N N 123 
ILE CB   C N S 124 
ILE CG1  C N N 125 
ILE CG2  C N N 126 
ILE CD1  C N N 127 
ILE OXT  O N N 128 
ILE H    H N N 129 
ILE H2   H N N 130 
ILE HA   H N N 131 
ILE HB   H N N 132 
ILE HG12 H N N 133 
ILE HG13 H N N 134 
ILE HG21 H N N 135 
ILE HG22 H N N 136 
ILE HG23 H N N 137 
ILE HD11 H N N 138 
ILE HD12 H N N 139 
ILE HD13 H N N 140 
ILE HXT  H N N 141 
LEU N    N N N 142 
LEU CA   C N S 143 
LEU C    C N N 144 
LEU O    O N N 145 
LEU CB   C N N 146 
LEU CG   C N N 147 
LEU CD1  C N N 148 
LEU CD2  C N N 149 
LEU OXT  O N N 150 
LEU H    H N N 151 
LEU H2   H N N 152 
LEU HA   H N N 153 
LEU HB2  H N N 154 
LEU HB3  H N N 155 
LEU HG   H N N 156 
LEU HD11 H N N 157 
LEU HD12 H N N 158 
LEU HD13 H N N 159 
LEU HD21 H N N 160 
LEU HD22 H N N 161 
LEU HD23 H N N 162 
LEU HXT  H N N 163 
LYS N    N N N 164 
LYS CA   C N S 165 
LYS C    C N N 166 
LYS O    O N N 167 
LYS CB   C N N 168 
LYS CG   C N N 169 
LYS CD   C N N 170 
LYS CE   C N N 171 
LYS NZ   N N N 172 
LYS OXT  O N N 173 
LYS H    H N N 174 
LYS H2   H N N 175 
LYS HA   H N N 176 
LYS HB2  H N N 177 
LYS HB3  H N N 178 
LYS HG2  H N N 179 
LYS HG3  H N N 180 
LYS HD2  H N N 181 
LYS HD3  H N N 182 
LYS HE2  H N N 183 
LYS HE3  H N N 184 
LYS HZ1  H N N 185 
LYS HZ2  H N N 186 
LYS HZ3  H N N 187 
LYS HXT  H N N 188 
MET N    N N N 189 
MET CA   C N S 190 
MET C    C N N 191 
MET O    O N N 192 
MET CB   C N N 193 
MET CG   C N N 194 
MET SD   S N N 195 
MET CE   C N N 196 
MET OXT  O N N 197 
MET H    H N N 198 
MET H2   H N N 199 
MET HA   H N N 200 
MET HB2  H N N 201 
MET HB3  H N N 202 
MET HG2  H N N 203 
MET HG3  H N N 204 
MET HE1  H N N 205 
MET HE2  H N N 206 
MET HE3  H N N 207 
MET HXT  H N N 208 
PHE N    N N N 209 
PHE CA   C N S 210 
PHE C    C N N 211 
PHE O    O N N 212 
PHE CB   C N N 213 
PHE CG   C Y N 214 
PHE CD1  C Y N 215 
PHE CD2  C Y N 216 
PHE CE1  C Y N 217 
PHE CE2  C Y N 218 
PHE CZ   C Y N 219 
PHE OXT  O N N 220 
PHE H    H N N 221 
PHE H2   H N N 222 
PHE HA   H N N 223 
PHE HB2  H N N 224 
PHE HB3  H N N 225 
PHE HD1  H N N 226 
PHE HD2  H N N 227 
PHE HE1  H N N 228 
PHE HE2  H N N 229 
PHE HZ   H N N 230 
PHE HXT  H N N 231 
PRO N    N N N 232 
PRO CA   C N S 233 
PRO C    C N N 234 
PRO O    O N N 235 
PRO CB   C N N 236 
PRO CG   C N N 237 
PRO CD   C N N 238 
PRO OXT  O N N 239 
PRO H    H N N 240 
PRO HA   H N N 241 
PRO HB2  H N N 242 
PRO HB3  H N N 243 
PRO HG2  H N N 244 
PRO HG3  H N N 245 
PRO HD2  H N N 246 
PRO HD3  H N N 247 
PRO HXT  H N N 248 
SER N    N N N 249 
SER CA   C N S 250 
SER C    C N N 251 
SER O    O N N 252 
SER CB   C N N 253 
SER OG   O N N 254 
SER OXT  O N N 255 
SER H    H N N 256 
SER H2   H N N 257 
SER HA   H N N 258 
SER HB2  H N N 259 
SER HB3  H N N 260 
SER HG   H N N 261 
SER HXT  H N N 262 
THR N    N N N 263 
THR CA   C N S 264 
THR C    C N N 265 
THR O    O N N 266 
THR CB   C N R 267 
THR OG1  O N N 268 
THR CG2  C N N 269 
THR OXT  O N N 270 
THR H    H N N 271 
THR H2   H N N 272 
THR HA   H N N 273 
THR HB   H N N 274 
THR HG1  H N N 275 
THR HG21 H N N 276 
THR HG22 H N N 277 
THR HG23 H N N 278 
THR HXT  H N N 279 
TYR N    N N N 280 
TYR CA   C N S 281 
TYR C    C N N 282 
TYR O    O N N 283 
TYR CB   C N N 284 
TYR CG   C Y N 285 
TYR CD1  C Y N 286 
TYR CD2  C Y N 287 
TYR CE1  C Y N 288 
TYR CE2  C Y N 289 
TYR CZ   C Y N 290 
TYR OH   O N N 291 
TYR OXT  O N N 292 
TYR H    H N N 293 
TYR H2   H N N 294 
TYR HA   H N N 295 
TYR HB2  H N N 296 
TYR HB3  H N N 297 
TYR HD1  H N N 298 
TYR HD2  H N N 299 
TYR HE1  H N N 300 
TYR HE2  H N N 301 
TYR HH   H N N 302 
TYR HXT  H N N 303 
VAL N    N N N 304 
VAL CA   C N S 305 
VAL C    C N N 306 
VAL O    O N N 307 
VAL CB   C N N 308 
VAL CG1  C N N 309 
VAL CG2  C N N 310 
VAL OXT  O N N 311 
VAL H    H N N 312 
VAL H2   H N N 313 
VAL HA   H N N 314 
VAL HB   H N N 315 
VAL HG11 H N N 316 
VAL HG12 H N N 317 
VAL HG13 H N N 318 
VAL HG21 H N N 319 
VAL HG22 H N N 320 
VAL HG23 H N N 321 
VAL HXT  H N N 322 
# 
loop_
_chem_comp_bond.comp_id 
_chem_comp_bond.atom_id_1 
_chem_comp_bond.atom_id_2 
_chem_comp_bond.value_order 
_chem_comp_bond.pdbx_aromatic_flag 
_chem_comp_bond.pdbx_stereo_config 
_chem_comp_bond.pdbx_ordinal 
ALA N   CA   sing N N 1   
ALA N   H    sing N N 2   
ALA N   H2   sing N N 3   
ALA CA  C    sing N N 4   
ALA CA  CB   sing N N 5   
ALA CA  HA   sing N N 6   
ALA C   O    doub N N 7   
ALA C   OXT  sing N N 8   
ALA CB  HB1  sing N N 9   
ALA CB  HB2  sing N N 10  
ALA CB  HB3  sing N N 11  
ALA OXT HXT  sing N N 12  
ASN N   CA   sing N N 13  
ASN N   H    sing N N 14  
ASN N   H2   sing N N 15  
ASN CA  C    sing N N 16  
ASN CA  CB   sing N N 17  
ASN CA  HA   sing N N 18  
ASN C   O    doub N N 19  
ASN C   OXT  sing N N 20  
ASN CB  CG   sing N N 21  
ASN CB  HB2  sing N N 22  
ASN CB  HB3  sing N N 23  
ASN CG  OD1  doub N N 24  
ASN CG  ND2  sing N N 25  
ASN ND2 HD21 sing N N 26  
ASN ND2 HD22 sing N N 27  
ASN OXT HXT  sing N N 28  
ASP N   CA   sing N N 29  
ASP N   H    sing N N 30  
ASP N   H2   sing N N 31  
ASP CA  C    sing N N 32  
ASP CA  CB   sing N N 33  
ASP CA  HA   sing N N 34  
ASP C   O    doub N N 35  
ASP C   OXT  sing N N 36  
ASP CB  CG   sing N N 37  
ASP CB  HB2  sing N N 38  
ASP CB  HB3  sing N N 39  
ASP CG  OD1  doub N N 40  
ASP CG  OD2  sing N N 41  
ASP OD2 HD2  sing N N 42  
ASP OXT HXT  sing N N 43  
GLN N   CA   sing N N 44  
GLN N   H    sing N N 45  
GLN N   H2   sing N N 46  
GLN CA  C    sing N N 47  
GLN CA  CB   sing N N 48  
GLN CA  HA   sing N N 49  
GLN C   O    doub N N 50  
GLN C   OXT  sing N N 51  
GLN CB  CG   sing N N 52  
GLN CB  HB2  sing N N 53  
GLN CB  HB3  sing N N 54  
GLN CG  CD   sing N N 55  
GLN CG  HG2  sing N N 56  
GLN CG  HG3  sing N N 57  
GLN CD  OE1  doub N N 58  
GLN CD  NE2  sing N N 59  
GLN NE2 HE21 sing N N 60  
GLN NE2 HE22 sing N N 61  
GLN OXT HXT  sing N N 62  
GLU N   CA   sing N N 63  
GLU N   H    sing N N 64  
GLU N   H2   sing N N 65  
GLU CA  C    sing N N 66  
GLU CA  CB   sing N N 67  
GLU CA  HA   sing N N 68  
GLU C   O    doub N N 69  
GLU C   OXT  sing N N 70  
GLU CB  CG   sing N N 71  
GLU CB  HB2  sing N N 72  
GLU CB  HB3  sing N N 73  
GLU CG  CD   sing N N 74  
GLU CG  HG2  sing N N 75  
GLU CG  HG3  sing N N 76  
GLU CD  OE1  doub N N 77  
GLU CD  OE2  sing N N 78  
GLU OE2 HE2  sing N N 79  
GLU OXT HXT  sing N N 80  
GLY N   CA   sing N N 81  
GLY N   H    sing N N 82  
GLY N   H2   sing N N 83  
GLY CA  C    sing N N 84  
GLY CA  HA2  sing N N 85  
GLY CA  HA3  sing N N 86  
GLY C   O    doub N N 87  
GLY C   OXT  sing N N 88  
GLY OXT HXT  sing N N 89  
HIS N   CA   sing N N 90  
HIS N   H    sing N N 91  
HIS N   H2   sing N N 92  
HIS CA  C    sing N N 93  
HIS CA  CB   sing N N 94  
HIS CA  HA   sing N N 95  
HIS C   O    doub N N 96  
HIS C   OXT  sing N N 97  
HIS CB  CG   sing N N 98  
HIS CB  HB2  sing N N 99  
HIS CB  HB3  sing N N 100 
HIS CG  ND1  sing Y N 101 
HIS CG  CD2  doub Y N 102 
HIS ND1 CE1  doub Y N 103 
HIS ND1 HD1  sing N N 104 
HIS CD2 NE2  sing Y N 105 
HIS CD2 HD2  sing N N 106 
HIS CE1 NE2  sing Y N 107 
HIS CE1 HE1  sing N N 108 
HIS NE2 HE2  sing N N 109 
HIS OXT HXT  sing N N 110 
HOH O   H1   sing N N 111 
HOH O   H2   sing N N 112 
ILE N   CA   sing N N 113 
ILE N   H    sing N N 114 
ILE N   H2   sing N N 115 
ILE CA  C    sing N N 116 
ILE CA  CB   sing N N 117 
ILE CA  HA   sing N N 118 
ILE C   O    doub N N 119 
ILE C   OXT  sing N N 120 
ILE CB  CG1  sing N N 121 
ILE CB  CG2  sing N N 122 
ILE CB  HB   sing N N 123 
ILE CG1 CD1  sing N N 124 
ILE CG1 HG12 sing N N 125 
ILE CG1 HG13 sing N N 126 
ILE CG2 HG21 sing N N 127 
ILE CG2 HG22 sing N N 128 
ILE CG2 HG23 sing N N 129 
ILE CD1 HD11 sing N N 130 
ILE CD1 HD12 sing N N 131 
ILE CD1 HD13 sing N N 132 
ILE OXT HXT  sing N N 133 
LEU N   CA   sing N N 134 
LEU N   H    sing N N 135 
LEU N   H2   sing N N 136 
LEU CA  C    sing N N 137 
LEU CA  CB   sing N N 138 
LEU CA  HA   sing N N 139 
LEU C   O    doub N N 140 
LEU C   OXT  sing N N 141 
LEU CB  CG   sing N N 142 
LEU CB  HB2  sing N N 143 
LEU CB  HB3  sing N N 144 
LEU CG  CD1  sing N N 145 
LEU CG  CD2  sing N N 146 
LEU CG  HG   sing N N 147 
LEU CD1 HD11 sing N N 148 
LEU CD1 HD12 sing N N 149 
LEU CD1 HD13 sing N N 150 
LEU CD2 HD21 sing N N 151 
LEU CD2 HD22 sing N N 152 
LEU CD2 HD23 sing N N 153 
LEU OXT HXT  sing N N 154 
LYS N   CA   sing N N 155 
LYS N   H    sing N N 156 
LYS N   H2   sing N N 157 
LYS CA  C    sing N N 158 
LYS CA  CB   sing N N 159 
LYS CA  HA   sing N N 160 
LYS C   O    doub N N 161 
LYS C   OXT  sing N N 162 
LYS CB  CG   sing N N 163 
LYS CB  HB2  sing N N 164 
LYS CB  HB3  sing N N 165 
LYS CG  CD   sing N N 166 
LYS CG  HG2  sing N N 167 
LYS CG  HG3  sing N N 168 
LYS CD  CE   sing N N 169 
LYS CD  HD2  sing N N 170 
LYS CD  HD3  sing N N 171 
LYS CE  NZ   sing N N 172 
LYS CE  HE2  sing N N 173 
LYS CE  HE3  sing N N 174 
LYS NZ  HZ1  sing N N 175 
LYS NZ  HZ2  sing N N 176 
LYS NZ  HZ3  sing N N 177 
LYS OXT HXT  sing N N 178 
MET N   CA   sing N N 179 
MET N   H    sing N N 180 
MET N   H2   sing N N 181 
MET CA  C    sing N N 182 
MET CA  CB   sing N N 183 
MET CA  HA   sing N N 184 
MET C   O    doub N N 185 
MET C   OXT  sing N N 186 
MET CB  CG   sing N N 187 
MET CB  HB2  sing N N 188 
MET CB  HB3  sing N N 189 
MET CG  SD   sing N N 190 
MET CG  HG2  sing N N 191 
MET CG  HG3  sing N N 192 
MET SD  CE   sing N N 193 
MET CE  HE1  sing N N 194 
MET CE  HE2  sing N N 195 
MET CE  HE3  sing N N 196 
MET OXT HXT  sing N N 197 
PHE N   CA   sing N N 198 
PHE N   H    sing N N 199 
PHE N   H2   sing N N 200 
PHE CA  C    sing N N 201 
PHE CA  CB   sing N N 202 
PHE CA  HA   sing N N 203 
PHE C   O    doub N N 204 
PHE C   OXT  sing N N 205 
PHE CB  CG   sing N N 206 
PHE CB  HB2  sing N N 207 
PHE CB  HB3  sing N N 208 
PHE CG  CD1  doub Y N 209 
PHE CG  CD2  sing Y N 210 
PHE CD1 CE1  sing Y N 211 
PHE CD1 HD1  sing N N 212 
PHE CD2 CE2  doub Y N 213 
PHE CD2 HD2  sing N N 214 
PHE CE1 CZ   doub Y N 215 
PHE CE1 HE1  sing N N 216 
PHE CE2 CZ   sing Y N 217 
PHE CE2 HE2  sing N N 218 
PHE CZ  HZ   sing N N 219 
PHE OXT HXT  sing N N 220 
PRO N   CA   sing N N 221 
PRO N   CD   sing N N 222 
PRO N   H    sing N N 223 
PRO CA  C    sing N N 224 
PRO CA  CB   sing N N 225 
PRO CA  HA   sing N N 226 
PRO C   O    doub N N 227 
PRO C   OXT  sing N N 228 
PRO CB  CG   sing N N 229 
PRO CB  HB2  sing N N 230 
PRO CB  HB3  sing N N 231 
PRO CG  CD   sing N N 232 
PRO CG  HG2  sing N N 233 
PRO CG  HG3  sing N N 234 
PRO CD  HD2  sing N N 235 
PRO CD  HD3  sing N N 236 
PRO OXT HXT  sing N N 237 
SER N   CA   sing N N 238 
SER N   H    sing N N 239 
SER N   H2   sing N N 240 
SER CA  C    sing N N 241 
SER CA  CB   sing N N 242 
SER CA  HA   sing N N 243 
SER C   O    doub N N 244 
SER C   OXT  sing N N 245 
SER CB  OG   sing N N 246 
SER CB  HB2  sing N N 247 
SER CB  HB3  sing N N 248 
SER OG  HG   sing N N 249 
SER OXT HXT  sing N N 250 
THR N   CA   sing N N 251 
THR N   H    sing N N 252 
THR N   H2   sing N N 253 
THR CA  C    sing N N 254 
THR CA  CB   sing N N 255 
THR CA  HA   sing N N 256 
THR C   O    doub N N 257 
THR C   OXT  sing N N 258 
THR CB  OG1  sing N N 259 
THR CB  CG2  sing N N 260 
THR CB  HB   sing N N 261 
THR OG1 HG1  sing N N 262 
THR CG2 HG21 sing N N 263 
THR CG2 HG22 sing N N 264 
THR CG2 HG23 sing N N 265 
THR OXT HXT  sing N N 266 
TYR N   CA   sing N N 267 
TYR N   H    sing N N 268 
TYR N   H2   sing N N 269 
TYR CA  C    sing N N 270 
TYR CA  CB   sing N N 271 
TYR CA  HA   sing N N 272 
TYR C   O    doub N N 273 
TYR C   OXT  sing N N 274 
TYR CB  CG   sing N N 275 
TYR CB  HB2  sing N N 276 
TYR CB  HB3  sing N N 277 
TYR CG  CD1  doub Y N 278 
TYR CG  CD2  sing Y N 279 
TYR CD1 CE1  sing Y N 280 
TYR CD1 HD1  sing N N 281 
TYR CD2 CE2  doub Y N 282 
TYR CD2 HD2  sing N N 283 
TYR CE1 CZ   doub Y N 284 
TYR CE1 HE1  sing N N 285 
TYR CE2 CZ   sing Y N 286 
TYR CE2 HE2  sing N N 287 
TYR CZ  OH   sing N N 288 
TYR OH  HH   sing N N 289 
TYR OXT HXT  sing N N 290 
VAL N   CA   sing N N 291 
VAL N   H    sing N N 292 
VAL N   H2   sing N N 293 
VAL CA  C    sing N N 294 
VAL CA  CB   sing N N 295 
VAL CA  HA   sing N N 296 
VAL C   O    doub N N 297 
VAL C   OXT  sing N N 298 
VAL CB  CG1  sing N N 299 
VAL CB  CG2  sing N N 300 
VAL CB  HB   sing N N 301 
VAL CG1 HG11 sing N N 302 
VAL CG1 HG12 sing N N 303 
VAL CG1 HG13 sing N N 304 
VAL CG2 HG21 sing N N 305 
VAL CG2 HG22 sing N N 306 
VAL CG2 HG23 sing N N 307 
VAL OXT HXT  sing N N 308 
# 
_em_admin.entry_id           8A9L 
_em_admin.current_status     REL 
_em_admin.deposition_date    2022-06-28 
_em_admin.deposition_site    PDBE 
_em_admin.last_update        2024-07-24 
_em_admin.map_release_date   2022-08-31 
_em_admin.title              
;Cryo-EM structure of alpha-synuclein filaments from Parkinson's disease and dementia with Lewy bodies
;
# 
_em_ctf_correction.id                       1 
_em_ctf_correction.em_image_processing_id   1 
_em_ctf_correction.type                     'PHASE FLIPPING AND AMPLITUDE CORRECTION' 
_em_ctf_correction.details                  ? 
# 
_em_entity_assembly_naturalsource.id                   2 
_em_entity_assembly_naturalsource.entity_assembly_id   1 
_em_entity_assembly_naturalsource.cell                 ? 
_em_entity_assembly_naturalsource.cellular_location    ? 
_em_entity_assembly_naturalsource.ncbi_tax_id          9606 
_em_entity_assembly_naturalsource.organ                ? 
_em_entity_assembly_naturalsource.organelle            ? 
_em_entity_assembly_naturalsource.organism             'Homo sapiens' 
_em_entity_assembly_naturalsource.strain               ? 
_em_entity_assembly_naturalsource.tissue               ? 
# 
_em_helical_entity.id                             1 
_em_helical_entity.image_processing_id            1 
_em_helical_entity.angular_rotation_per_subunit   0.86 
_em_helical_entity.axial_rise_per_subunit         4.76 
_em_helical_entity.axial_symmetry                 C1 
_em_helical_entity.details                        ? 
# 
_em_image_processing.id                   1 
_em_image_processing.image_recording_id   1 
_em_image_processing.details              ? 
# 
_em_image_recording.id                                  1 
_em_image_recording.imaging_id                          1 
_em_image_recording.avg_electron_dose_per_image         40 
_em_image_recording.average_exposure_time               ? 
_em_image_recording.details                             ? 
_em_image_recording.detector_mode                       ? 
_em_image_recording.film_or_detector_model              'FEI FALCON IV (4k x 4k)' 
_em_image_recording.num_diffraction_images              ? 
_em_image_recording.num_grids_imaged                    ? 
_em_image_recording.num_real_images                     ? 
_em_image_recording.avg_electron_dose_per_subtomogram   ? 
# 
loop_
_em_software.id 
_em_software.category 
_em_software.details 
_em_software.name 
_em_software.version 
_em_software.image_processing_id 
_em_software.fitting_id 
_em_software.imaging_id 
1  'PARTICLE SELECTION'            ?         ?      ?   1 ? ? 
2  'IMAGE ACQUISITION'             ?         ?      ?   ? ? 1 
3  MASKING                         ?         ?      ?   ? ? ? 
4  'CTF CORRECTION'                ?         ?      ?   1 ? ? 
5  'LAYERLINE INDEXING'            ?         ?      ?   ? ? ? 
6  'DIFFRACTION INDEXING'          ?         ?      ?   ? ? ? 
7  'MODEL FITTING'                 ?         Coot   ?   ? 1 ? 
8  OTHER                           ?         ?      ?   ? ? ? 
9  'INITIAL EULER ASSIGNMENT'      ?         RELION 4.0 1 ? ? 
10 'FINAL EULER ASSIGNMENT'        ?         ?      ?   1 ? ? 
11 CLASSIFICATION                  ?         ?      ?   1 ? ? 
12 RECONSTRUCTION                  ?         RELION 4.0 1 ? ? 
13 'VOLUME SELECTION'              ?         ?      ?   1 1 1 
14 'SERIES ALIGNMENT'              ?         ?      ?   1 1 1 
15 'MOLECULAR REPLACEMENT'         ?         ?      ?   1 1 1 
16 'LATTICE DISTORTION CORRECTION' ?         ?      ?   1 1 1 
17 'SYMMETRY DETERMINATION'        ?         ?      ?   1 1 1 
18 'CRYSTALLOGRAPHY MERGING'       ?         ?      ?   1 1 1 
19 'MODEL REFINEMENT'              servalcat REFMAC ?   ? 1 ? 
# 
_em_specimen.id                      1 
_em_specimen.experiment_id           1 
_em_specimen.concentration           ? 
_em_specimen.details                 ? 
_em_specimen.embedding_applied       NO 
_em_specimen.shadowing_applied       NO 
_em_specimen.staining_applied        NO 
_em_specimen.vitrification_applied   YES 
# 
loop_
_pdbx_audit_support.funding_organization 
_pdbx_audit_support.country 
_pdbx_audit_support.grant_number 
_pdbx_audit_support.ordinal 
'Medical Research Council (MRC, United Kingdom)'                                                    'United Kingdom' 
MC_UP_A025_1013         1 
'Medical Research Council (MRC, United Kingdom)'                                                    'United Kingdom' 
'MC_U105184291 to M.G.' 2 
'Alzheimers Research UK (ARUK)'                                                                     'United Kingdom' ? 3 
'National Institutes of Health/National Institute of Neurological Disorders and Stroke (NIH/NINDS)' 'United States'  ? 4 
# 
_atom_sites.entry_id                    8A9L 
_atom_sites.Cartn_transf_matrix[1][1]   ? 
_atom_sites.Cartn_transf_matrix[1][2]   ? 
_atom_sites.Cartn_transf_matrix[1][3]   ? 
_atom_sites.Cartn_transf_matrix[2][1]   ? 
_atom_sites.Cartn_transf_matrix[2][2]   ? 
_atom_sites.Cartn_transf_matrix[2][3]   ? 
_atom_sites.Cartn_transf_matrix[3][1]   ? 
_atom_sites.Cartn_transf_matrix[3][2]   ? 
_atom_sites.Cartn_transf_matrix[3][3]   ? 
_atom_sites.Cartn_transf_vector[1]      ? 
_atom_sites.Cartn_transf_vector[2]      ? 
_atom_sites.Cartn_transf_vector[3]      ? 
_atom_sites.fract_transf_matrix[1][1]   1.000000 
_atom_sites.fract_transf_matrix[1][2]   0.000000 
_atom_sites.fract_transf_matrix[1][3]   0.000000 
_atom_sites.fract_transf_matrix[2][1]   0.000000 
_atom_sites.fract_transf_matrix[2][2]   1.000000 
_atom_sites.fract_transf_matrix[2][3]   0.000000 
_atom_sites.fract_transf_matrix[3][1]   0.000000 
_atom_sites.fract_transf_matrix[3][2]   0.000000 
_atom_sites.fract_transf_matrix[3][3]   1.000000 
_atom_sites.fract_transf_vector[1]      0.00000 
_atom_sites.fract_transf_vector[2]      0.00000 
_atom_sites.fract_transf_vector[3]      0.00000 
_atom_sites.solution_primary            ? 
_atom_sites.solution_secondary          ? 
_atom_sites.solution_hydrogens          ? 
_atom_sites.special_details             ? 
# 
loop_
_atom_type.symbol 
C 
N 
O 
# 
loop_
_atom_site.group_PDB 
_atom_site.id 
_atom_site.type_symbol 
_atom_site.label_atom_id 
_atom_site.label_alt_id 
_atom_site.label_comp_id 
_atom_site.label_asym_id 
_atom_site.label_entity_id 
_atom_site.label_seq_id 
_atom_site.pdbx_PDB_ins_code 
_atom_site.Cartn_x 
_atom_site.Cartn_y 
_atom_site.Cartn_z 
_atom_site.occupancy 
_atom_site.B_iso_or_equiv 
_atom_site.pdbx_formal_charge 
_atom_site.auth_seq_id 
_atom_site.auth_comp_id 
_atom_site.auth_asym_id 
_atom_site.auth_atom_id 
_atom_site.pdbx_PDB_model_num 
ATOM   1   N N   . GLY A 1 31  ? 3.340  13.399  -26.953 1.00 96.56  ? 31  GLY A N   1 
ATOM   2   C CA  . GLY A 1 31  ? 2.611  12.131  -27.192 1.00 93.31  ? 31  GLY A CA  1 
ATOM   3   C C   . GLY A 1 31  ? 2.915  11.092  -26.116 1.00 85.05  ? 31  GLY A C   1 
ATOM   4   O O   . GLY A 1 31  ? 3.363  9.991   -26.430 1.00 90.43  ? 31  GLY A O   1 
ATOM   5   N N   . LYS A 1 32  ? 2.657  11.460  -24.853 1.00 77.82  ? 32  LYS A N   1 
ATOM   6   C CA  . LYS A 1 32  ? 2.939  10.591  -23.723 1.00 78.41  ? 32  LYS A CA  1 
ATOM   7   C C   . LYS A 1 32  ? 1.926  9.446   -23.685 1.00 71.77  ? 32  LYS A C   1 
ATOM   8   O O   . LYS A 1 32  ? 0.783  9.599   -24.117 1.00 70.69  ? 32  LYS A O   1 
ATOM   9   C CB  . LYS A 1 32  ? 2.920  11.372  -22.404 1.00 81.75  ? 32  LYS A CB  1 
ATOM   10  C CG  . LYS A 1 32  ? 3.960  12.479  -22.296 1.00 90.87  ? 32  LYS A CG  1 
ATOM   11  C CD  . LYS A 1 32  ? 3.913  13.235  -20.982 1.00 95.23  ? 32  LYS A CD  1 
ATOM   12  C CE  . LYS A 1 32  ? 4.442  12.434  -19.811 1.00 100.94 ? 32  LYS A CE  1 
ATOM   13  N NZ  . LYS A 1 32  ? 4.560  13.263  -18.587 1.00 106.48 ? 32  LYS A NZ  1 
ATOM   14  N N   . THR A 1 33  ? 2.384  8.290   -23.191 1.00 61.73  ? 33  THR A N   1 
ATOM   15  C CA  . THR A 1 33  ? 1.521  7.174   -22.840 1.00 59.98  ? 33  THR A CA  1 
ATOM   16  C C   . THR A 1 33  ? 2.057  6.574   -21.547 1.00 48.25  ? 33  THR A C   1 
ATOM   17  O O   . THR A 1 33  ? 3.263  6.360   -21.439 1.00 51.59  ? 33  THR A O   1 
ATOM   18  C CB  . THR A 1 33  ? 1.448  6.112   -23.952 1.00 59.47  ? 33  THR A CB  1 
ATOM   19  O OG1 . THR A 1 33  ? 2.695  5.424   -24.058 1.00 64.67  ? 33  THR A OG1 1 
ATOM   20  C CG2 . THR A 1 33  ? 1.098  6.683   -25.310 1.00 61.74  ? 33  THR A CG2 1 
ATOM   21  N N   . LYS A 1 34  ? 1.174  6.402   -20.560 1.00 42.50  ? 34  LYS A N   1 
ATOM   22  C CA  . LYS A 1 34  ? 1.385  5.459   -19.476 1.00 44.49  ? 34  LYS A CA  1 
ATOM   23  C C   . LYS A 1 34  ? 0.385  4.323   -19.661 1.00 43.09  ? 34  LYS A C   1 
ATOM   24  O O   . LYS A 1 34  ? -0.812 4.537   -19.474 1.00 45.17  ? 34  LYS A O   1 
ATOM   25  C CB  . LYS A 1 34  ? 1.173  6.064   -18.088 1.00 44.37  ? 34  LYS A CB  1 
ATOM   26  C CG  . LYS A 1 34  ? 2.297  6.913   -17.544 1.00 47.89  ? 34  LYS A CG  1 
ATOM   27  C CD  . LYS A 1 34  ? 2.050  7.335   -16.128 1.00 49.15  ? 34  LYS A CD  1 
ATOM   28  C CE  . LYS A 1 34  ? 3.059  8.351   -15.634 1.00 53.75  ? 34  LYS A CE  1 
ATOM   29  N NZ  . LYS A 1 34  ? 2.845  8.686   -14.205 1.00 53.73  ? 34  LYS A NZ  1 
ATOM   30  N N   . GLU A 1 35  ? 0.886  3.135   -20.021 1.00 37.59  ? 35  GLU A N   1 
ATOM   31  C CA  . GLU A 1 35  ? 0.053  1.966   -20.218 1.00 37.39  ? 35  GLU A CA  1 
ATOM   32  C C   . GLU A 1 35  ? 0.637  0.811   -19.409 1.00 34.36  ? 35  GLU A C   1 
ATOM   33  O O   . GLU A 1 35  ? 1.803  0.471   -19.565 1.00 39.20  ? 35  GLU A O   1 
ATOM   34  C CB  . GLU A 1 35  ? -0.040 1.654   -21.711 1.00 45.07  ? 35  GLU A CB  1 
ATOM   35  C CG  . GLU A 1 35  ? -0.551 2.825   -22.536 1.00 47.85  ? 35  GLU A CG  1 
ATOM   36  C CD  . GLU A 1 35  ? -0.694 2.578   -24.030 1.00 59.47  ? 35  GLU A CD  1 
ATOM   37  O OE1 . GLU A 1 35  ? -0.900 3.568   -24.775 1.00 65.58  ? 35  GLU A OE1 1 
ATOM   38  O OE2 . GLU A 1 35  ? -0.613 1.409   -24.456 1.00 60.71  ? 35  GLU A OE2 1 
ATOM   39  N N   . GLY A 1 36  ? -0.163 0.221   -18.528 1.00 30.42  ? 36  GLY A N   1 
ATOM   40  C CA  . GLY A 1 36  ? 0.276  -0.926  -17.749 1.00 30.27  ? 36  GLY A CA  1 
ATOM   41  C C   . GLY A 1 36  ? 1.347  -0.523  -16.754 1.00 31.13  ? 36  GLY A C   1 
ATOM   42  O O   . GLY A 1 36  ? 2.458  -1.052  -16.792 1.00 30.34  ? 36  GLY A O   1 
ATOM   43  N N   . VAL A 1 37  ? 1.009  0.434   -15.883 1.00 26.67  ? 37  VAL A N   1 
ATOM   44  C CA  . VAL A 1 37  ? 1.983  0.959   -14.953 1.00 26.64  ? 37  VAL A CA  1 
ATOM   45  C C   . VAL A 1 37  ? 1.362  0.937   -13.576 1.00 27.40  ? 37  VAL A C   1 
ATOM   46  O O   . VAL A 1 37  ? 0.168  1.169   -13.466 1.00 31.73  ? 37  VAL A O   1 
ATOM   47  C CB  . VAL A 1 37  ? 2.412  2.387   -15.365 1.00 31.39  ? 37  VAL A CB  1 
ATOM   48  C CG1 . VAL A 1 37  ? 3.433  2.965   -14.412 1.00 29.25  ? 37  VAL A CG1 1 
ATOM   49  C CG2 . VAL A 1 37  ? 2.924  2.431   -16.807 1.00 30.76  ? 37  VAL A CG2 1 
ATOM   50  N N   . LEU A 1 38  ? 2.162  0.682   -12.537 1.00 25.61  ? 38  LEU A N   1 
ATOM   51  C CA  . LEU A 1 38  ? 1.653  0.776   -11.194 1.00 27.24  ? 38  LEU A CA  1 
ATOM   52  C C   . LEU A 1 38  ? 2.647  1.480   -10.263 1.00 27.93  ? 38  LEU A C   1 
ATOM   53  O O   . LEU A 1 38  ? 3.853  1.384   -10.446 1.00 24.60  ? 38  LEU A O   1 
ATOM   54  C CB  . LEU A 1 38  ? 1.291  -0.627  -10.697 1.00 31.27  ? 38  LEU A CB  1 
ATOM   55  C CG  . LEU A 1 38  ? 2.440  -1.589  -10.405 1.00 30.82  ? 38  LEU A CG  1 
ATOM   56  C CD1 . LEU A 1 38  ? 2.890  -1.496  -8.958  1.00 28.97  ? 38  LEU A CD1 1 
ATOM   57  C CD2 . LEU A 1 38  ? 2.049  -3.026  -10.758 1.00 32.33  ? 38  LEU A CD2 1 
ATOM   58  N N   . TYR A 1 39  ? 2.076  2.123   -9.240  1.00 23.51  ? 39  TYR A N   1 
ATOM   59  C CA  . TYR A 1 39  ? 2.758  2.888   -8.223  1.00 25.51  ? 39  TYR A CA  1 
ATOM   60  C C   . TYR A 1 39  ? 2.201  2.449   -6.896  1.00 24.78  ? 39  TYR A C   1 
ATOM   61  O O   . TYR A 1 39  ? 0.984  2.473   -6.716  1.00 30.21  ? 39  TYR A O   1 
ATOM   62  C CB  . TYR A 1 39  ? 2.496  4.394   -8.363  1.00 29.29  ? 39  TYR A CB  1 
ATOM   63  C CG  . TYR A 1 39  ? 2.890  4.997   -9.687  1.00 26.13  ? 39  TYR A CG  1 
ATOM   64  C CD1 . TYR A 1 39  ? 2.087  4.875   -10.804 1.00 34.08  ? 39  TYR A CD1 1 
ATOM   65  C CD2 . TYR A 1 39  ? 4.116  5.621   -9.842  1.00 31.09  ? 39  TYR A CD2 1 
ATOM   66  C CE1 . TYR A 1 39  ? 2.470  5.410   -12.034 1.00 37.28  ? 39  TYR A CE1 1 
ATOM   67  C CE2 . TYR A 1 39  ? 4.505  6.178   -11.052 1.00 31.22  ? 39  TYR A CE2 1 
ATOM   68  C CZ  . TYR A 1 39  ? 3.691  6.057   -12.152 1.00 35.43  ? 39  TYR A CZ  1 
ATOM   69  O OH  . TYR A 1 39  ? 4.103  6.597   -13.348 1.00 43.25  ? 39  TYR A OH  1 
ATOM   70  N N   . VAL A 1 40  ? 3.060  1.967   -6.006  1.00 26.13  ? 40  VAL A N   1 
ATOM   71  C CA  . VAL A 1 40  ? 2.617  1.697   -4.661  1.00 27.20  ? 40  VAL A CA  1 
ATOM   72  C C   . VAL A 1 40  ? 3.656  2.250   -3.706  1.00 29.29  ? 40  VAL A C   1 
ATOM   73  O O   . VAL A 1 40  ? 4.804  1.835   -3.746  1.00 31.95  ? 40  VAL A O   1 
ATOM   74  C CB  . VAL A 1 40  ? 2.385  0.202   -4.391  1.00 28.02  ? 40  VAL A CB  1 
ATOM   75  C CG1 . VAL A 1 40  ? 1.875  -0.009  -2.990  1.00 24.66  ? 40  VAL A CG1 1 
ATOM   76  C CG2 . VAL A 1 40  ? 1.456  -0.451  -5.416  1.00 30.22  ? 40  VAL A CG2 1 
ATOM   77  N N   . GLY A 1 41  ? 3.200  3.067   -2.761  1.00 29.79  ? 41  GLY A N   1 
ATOM   78  C CA  . GLY A 1 41  ? 4.063  3.589   -1.722  1.00 30.81  ? 41  GLY A CA  1 
ATOM   79  C C   . GLY A 1 41  ? 3.780  5.065   -1.526  1.00 36.00  ? 41  GLY A C   1 
ATOM   80  O O   . GLY A 1 41  ? 2.631  5.441   -1.305  1.00 39.65  ? 41  GLY A O   1 
ATOM   81  N N   . SER A 1 42  ? 4.818  5.899   -1.640  1.00 49.21  ? 42  SER A N   1 
ATOM   82  C CA  . SER A 1 42  ? 4.683  7.314   -1.331  1.00 47.55  ? 42  SER A CA  1 
ATOM   83  C C   . SER A 1 42  ? 5.578  8.168   -2.237  1.00 46.73  ? 42  SER A C   1 
ATOM   84  O O   . SER A 1 42  ? 6.655  7.735   -2.646  1.00 45.35  ? 42  SER A O   1 
ATOM   85  C CB  . SER A 1 42  ? 4.907  7.544   0.146   1.00 39.75  ? 42  SER A CB  1 
ATOM   86  O OG  . SER A 1 42  ? 6.215  7.183   0.528   1.00 52.96  ? 42  SER A OG  1 
ATOM   87  N N   . LYS A 1 43  ? 5.085  9.366   -2.577  1.00 45.94  ? 43  LYS A N   1 
ATOM   88  C CA  . LYS A 1 43  ? 5.842  10.407  -3.262  1.00 45.83  ? 43  LYS A CA  1 
ATOM   89  C C   . LYS A 1 43  ? 5.731  11.696  -2.433  1.00 49.48  ? 43  LYS A C   1 
ATOM   90  O O   . LYS A 1 43  ? 4.622  12.125  -2.108  1.00 48.23  ? 43  LYS A O   1 
ATOM   91  C CB  . LYS A 1 43  ? 5.276  10.555  -4.670  1.00 49.77  ? 43  LYS A CB  1 
ATOM   92  C CG  . LYS A 1 43  ? 6.007  11.508  -5.594  1.00 61.91  ? 43  LYS A CG  1 
ATOM   93  C CD  . LYS A 1 43  ? 5.379  11.582  -6.975  1.00 71.61  ? 43  LYS A CD  1 
ATOM   94  C CE  . LYS A 1 43  ? 6.023  12.647  -7.841  1.00 80.49  ? 43  LYS A CE  1 
ATOM   95  N NZ  . LYS A 1 43  ? 5.423  12.710  -9.195  1.00 88.16  ? 43  LYS A NZ  1 
ATOM   96  N N   . THR A 1 44  ? 6.871  12.273  -2.024  1.00 46.32  ? 44  THR A N   1 
ATOM   97  C CA  . THR A 1 44  ? 6.886  13.555  -1.318  1.00 50.70  ? 44  THR A CA  1 
ATOM   98  C C   . THR A 1 44  ? 7.808  14.549  -2.038  1.00 55.98  ? 44  THR A C   1 
ATOM   99  O O   . THR A 1 44  ? 8.921  14.198  -2.445  1.00 43.36  ? 44  THR A O   1 
ATOM   100 C CB  . THR A 1 44  ? 7.270  13.412  0.155   1.00 46.05  ? 44  THR A CB  1 
ATOM   101 O OG1 . THR A 1 44  ? 7.255  14.717  0.732   1.00 60.18  ? 44  THR A OG1 1 
ATOM   102 C CG2 . THR A 1 44  ? 8.648  12.837  0.375   1.00 56.22  ? 44  THR A CG2 1 
ATOM   103 N N   . LYS A 1 45  ? 7.309  15.789  -2.209  1.00 56.38  ? 45  LYS A N   1 
ATOM   104 C CA  . LYS A 1 45  ? 8.079  16.900  -2.756  1.00 55.66  ? 45  LYS A CA  1 
ATOM   105 C C   . LYS A 1 45  ? 7.967  18.106  -1.819  1.00 55.84  ? 45  LYS A C   1 
ATOM   106 O O   . LYS A 1 45  ? 6.896  18.704  -1.712  1.00 53.10  ? 45  LYS A O   1 
ATOM   107 C CB  . LYS A 1 45  ? 7.609  17.241  -4.167  1.00 55.83  ? 45  LYS A CB  1 
ATOM   108 C CG  . LYS A 1 45  ? 8.456  18.290  -4.875  1.00 65.66  ? 45  LYS A CG  1 
ATOM   109 C CD  . LYS A 1 45  ? 7.924  18.711  -6.229  1.00 71.88  ? 45  LYS A CD  1 
ATOM   110 C CE  . LYS A 1 45  ? 7.875  17.592  -7.251  1.00 78.73  ? 45  LYS A CE  1 
ATOM   111 N NZ  . LYS A 1 45  ? 7.351  18.070  -8.553  1.00 80.60  ? 45  LYS A NZ  1 
ATOM   112 N N   . GLU A 1 46  ? 9.069  18.398  -1.098  1.00 54.79  ? 46  GLU A N   1 
ATOM   113 C CA  . GLU A 1 46  ? 9.344  19.690  -0.480  1.00 59.50  ? 46  GLU A CA  1 
ATOM   114 C C   . GLU A 1 46  ? 8.411  19.963  0.692   1.00 56.23  ? 46  GLU A C   1 
ATOM   115 O O   . GLU A 1 46  ? 7.871  21.061  0.808   1.00 68.16  ? 46  GLU A O   1 
ATOM   116 C CB  . GLU A 1 46  ? 9.244  20.854  -1.480  1.00 64.56  ? 46  GLU A CB  1 
ATOM   117 C CG  . GLU A 1 46  ? 10.229 20.776  -2.631  1.00 75.26  ? 46  GLU A CG  1 
ATOM   118 C CD  . GLU A 1 46  ? 9.958  21.752  -3.767  1.00 87.45  ? 46  GLU A CD  1 
ATOM   119 O OE1 . GLU A 1 46  ? 10.535 21.555  -4.861  1.00 90.78  ? 46  GLU A OE1 1 
ATOM   120 O OE2 . GLU A 1 46  ? 9.182  22.714  -3.558  1.00 91.63  ? 46  GLU A OE2 1 
ATOM   121 N N   . GLY A 1 47  ? 8.270  18.997  1.594   1.00 53.64  ? 47  GLY A N   1 
ATOM   122 C CA  . GLY A 1 47  ? 7.481  19.218  2.796   1.00 49.81  ? 47  GLY A CA  1 
ATOM   123 C C   . GLY A 1 47  ? 8.364  19.588  3.980   1.00 44.38  ? 47  GLY A C   1 
ATOM   124 O O   . GLY A 1 47  ? 9.584  19.554  3.861   1.00 52.47  ? 47  GLY A O   1 
ATOM   125 N N   . VAL A 1 48  ? 7.722  19.921  5.106   1.00 37.88  ? 48  VAL A N   1 
ATOM   126 C CA  . VAL A 1 48  ? 8.380  20.058  6.393   1.00 40.35  ? 48  VAL A CA  1 
ATOM   127 C C   . VAL A 1 48  ? 7.565  19.285  7.431   1.00 38.92  ? 48  VAL A C   1 
ATOM   128 O O   . VAL A 1 48  ? 6.340  19.219  7.327   1.00 43.95  ? 48  VAL A O   1 
ATOM   129 C CB  . VAL A 1 48  ? 8.520  21.544  6.773   1.00 42.12  ? 48  VAL A CB  1 
ATOM   130 C CG1 . VAL A 1 48  ? 9.385  21.736  8.003   1.00 42.64  ? 48  VAL A CG1 1 
ATOM   131 C CG2 . VAL A 1 48  ? 9.060  22.368  5.615   1.00 44.84  ? 48  VAL A CG2 1 
ATOM   132 N N   . VAL A 1 49  ? 8.251  18.683  8.406   1.00 36.77  ? 49  VAL A N   1 
ATOM   133 C CA  . VAL A 1 49  ? 7.604  18.111  9.577   1.00 41.49  ? 49  VAL A CA  1 
ATOM   134 C C   . VAL A 1 49  ? 8.484  18.413  10.783  1.00 40.20  ? 49  VAL A C   1 
ATOM   135 O O   . VAL A 1 49  ? 9.605  17.918  10.857  1.00 45.56  ? 49  VAL A O   1 
ATOM   136 C CB  . VAL A 1 49  ? 7.383  16.587  9.459   1.00 38.79  ? 49  VAL A CB  1 
ATOM   137 C CG1 . VAL A 1 49  ? 6.765  16.043  10.732  1.00 43.71  ? 49  VAL A CG1 1 
ATOM   138 C CG2 . VAL A 1 49  ? 6.563  16.200  8.240   1.00 37.95  ? 49  VAL A CG2 1 
ATOM   139 N N   . HIS A 1 50  ? 7.989  19.199  11.733  1.00 41.68  ? 50  HIS A N   1 
ATOM   140 C CA  . HIS A 1 50  ? 8.874  19.656  12.776  1.00 45.63  ? 50  HIS A CA  1 
ATOM   141 C C   . HIS A 1 50  ? 8.924  18.589  13.845  1.00 54.24  ? 50  HIS A C   1 
ATOM   142 O O   . HIS A 1 50  ? 9.924  17.874  13.943  1.00 74.26  ? 50  HIS A O   1 
ATOM   143 C CB  . HIS A 1 50  ? 8.481  21.021  13.330  1.00 58.58  ? 50  HIS A CB  1 
ATOM   144 C CG  . HIS A 1 50  ? 9.484  21.568  14.296  1.00 66.78  ? 50  HIS A CG  1 
ATOM   145 N ND1 . HIS A 1 50  ? 10.792 21.831  13.961  1.00 81.19  ? 50  HIS A ND1 1 
ATOM   146 C CD2 . HIS A 1 50  ? 9.334  21.890  15.611  1.00 82.00  ? 50  HIS A CD2 1 
ATOM   147 C CE1 . HIS A 1 50  ? 11.428 22.305  15.032  1.00 88.11  ? 50  HIS A CE1 1 
ATOM   148 N NE2 . HIS A 1 50  ? 10.538 22.352  16.069  1.00 87.11  ? 50  HIS A NE2 1 
ATOM   149 N N   . GLY A 1 51  ? 7.849  18.449  14.613  1.00 46.92  ? 51  GLY A N   1 
ATOM   150 C CA  . GLY A 1 51  ? 7.899  17.625  15.807  1.00 54.85  ? 51  GLY A CA  1 
ATOM   151 C C   . GLY A 1 51  ? 6.787  16.573  15.826  1.00 56.79  ? 51  GLY A C   1 
ATOM   152 O O   . GLY A 1 51  ? 5.605  16.918  15.802  1.00 53.25  ? 51  GLY A O   1 
ATOM   153 N N   . VAL A 1 52  ? 7.187  15.295  15.866  1.00 54.19  ? 52  VAL A N   1 
ATOM   154 C CA  . VAL A 1 52  ? 6.247  14.194  15.926  1.00 47.10  ? 52  VAL A CA  1 
ATOM   155 C C   . VAL A 1 52  ? 6.673  13.298  17.064  1.00 49.80  ? 52  VAL A C   1 
ATOM   156 O O   . VAL A 1 52  ? 7.568  12.483  16.871  1.00 60.56  ? 52  VAL A O   1 
ATOM   157 C CB  . VAL A 1 52  ? 6.190  13.428  14.596  1.00 53.24  ? 52  VAL A CB  1 
ATOM   158 C CG1 . VAL A 1 52  ? 5.253  12.226  14.702  1.00 51.57  ? 52  VAL A CG1 1 
ATOM   159 C CG2 . VAL A 1 52  ? 5.808  14.344  13.441  1.00 47.88  ? 52  VAL A CG2 1 
ATOM   160 N N   . ALA A 1 53  ? 6.090  13.523  18.249  1.00 49.82  ? 53  ALA A N   1 
ATOM   161 C CA  . ALA A 1 53  ? 6.362  12.716  19.427  1.00 53.38  ? 53  ALA A CA  1 
ATOM   162 C C   . ALA A 1 53  ? 5.205  11.740  19.647  1.00 56.61  ? 53  ALA A C   1 
ATOM   163 O O   . ALA A 1 53  ? 4.046  12.084  19.412  1.00 62.64  ? 53  ALA A O   1 
ATOM   164 C CB  . ALA A 1 53  ? 6.574  13.597  20.639  1.00 56.48  ? 53  ALA A CB  1 
ATOM   165 N N   . THR A 1 54  ? 5.519  10.530  20.129  1.00 52.64  ? 54  THR A N   1 
ATOM   166 C CA  . THR A 1 54  ? 4.533  9.469   20.247  1.00 49.89  ? 54  THR A CA  1 
ATOM   167 C C   . THR A 1 54  ? 4.862  8.577   21.433  1.00 47.36  ? 54  THR A C   1 
ATOM   168 O O   . THR A 1 54  ? 6.022  8.266   21.671  1.00 52.07  ? 54  THR A O   1 
ATOM   169 C CB  . THR A 1 54  ? 4.491  8.643   18.957  1.00 57.14  ? 54  THR A CB  1 
ATOM   170 O OG1 . THR A 1 54  ? 4.065  9.473   17.873  1.00 58.32  ? 54  THR A OG1 1 
ATOM   171 C CG2 . THR A 1 54  ? 3.558  7.461   19.056  1.00 59.33  ? 54  THR A CG2 1 
ATOM   172 N N   . VAL A 1 55  ? 3.833  8.171   22.174  1.00 47.58  ? 55  VAL A N   1 
ATOM   173 C CA  . VAL A 1 55  ? 4.005  7.237   23.276  1.00 58.60  ? 55  VAL A CA  1 
ATOM   174 C C   . VAL A 1 55  ? 2.914  6.177   23.175  1.00 56.28  ? 55  VAL A C   1 
ATOM   175 O O   . VAL A 1 55  ? 1.726  6.504   23.090  1.00 49.18  ? 55  VAL A O   1 
ATOM   176 C CB  . VAL A 1 55  ? 3.990  7.902   24.671  1.00 54.10  ? 55  VAL A CB  1 
ATOM   177 C CG1 . VAL A 1 55  ? 4.008  6.861   25.769  1.00 56.64  ? 55  VAL A CG1 1 
ATOM   178 C CG2 . VAL A 1 55  ? 5.146  8.874   24.856  1.00 58.11  ? 55  VAL A CG2 1 
ATOM   179 N N   . ALA A 1 56  ? 3.362  4.919   23.169  1.00 51.89  ? 56  ALA A N   1 
ATOM   180 C CA  . ALA A 1 56  ? 2.500  3.760   23.266  1.00 49.38  ? 56  ALA A CA  1 
ATOM   181 C C   . ALA A 1 56  ? 2.934  2.972   24.493  1.00 48.99  ? 56  ALA A C   1 
ATOM   182 O O   . ALA A 1 56  ? 4.103  2.617   24.608  1.00 54.96  ? 56  ALA A O   1 
ATOM   183 C CB  . ALA A 1 56  ? 2.596  2.960   21.999  1.00 49.14  ? 56  ALA A CB  1 
ATOM   184 N N   . GLU A 1 57  ? 2.005  2.748   25.422  1.00 55.14  ? 57  GLU A N   1 
ATOM   185 C CA  . GLU A 1 57  ? 2.288  1.990   26.630  1.00 67.96  ? 57  GLU A CA  1 
ATOM   186 C C   . GLU A 1 57  ? 1.149  0.994   26.848  1.00 65.24  ? 57  GLU A C   1 
ATOM   187 O O   . GLU A 1 57  ? 0.000  1.408   26.982  1.00 68.81  ? 57  GLU A O   1 
ATOM   188 C CB  . GLU A 1 57  ? 2.450  2.944   27.816  1.00 72.45  ? 57  GLU A CB  1 
ATOM   189 C CG  . GLU A 1 57  ? 2.834  2.255   29.114  1.00 81.68  ? 57  GLU A CG  1 
ATOM   190 C CD  . GLU A 1 57  ? 2.993  3.179   30.312  1.00 89.83  ? 57  GLU A CD  1 
ATOM   191 O OE1 . GLU A 1 57  ? 3.231  2.662   31.424  1.00 95.06  ? 57  GLU A OE1 1 
ATOM   192 O OE2 . GLU A 1 57  ? 2.877  4.414   30.135  1.00 93.76  ? 57  GLU A OE2 1 
ATOM   193 N N   . LYS A 1 58  ? 1.479  -0.304  26.877  1.00 59.10  ? 58  LYS A N   1 
ATOM   194 C CA  . LYS A 1 58  ? 0.509  -1.358  27.135  1.00 54.91  ? 58  LYS A CA  1 
ATOM   195 C C   . LYS A 1 58  ? -0.618 -1.257  26.114  1.00 53.35  ? 58  LYS A C   1 
ATOM   196 O O   . LYS A 1 58  ? -1.788 -1.227  26.475  1.00 58.55  ? 58  LYS A O   1 
ATOM   197 C CB  . LYS A 1 58  ? -0.011 -1.290  28.573  1.00 56.80  ? 58  LYS A CB  1 
ATOM   198 C CG  . LYS A 1 58  ? 1.055  -1.419  29.650  1.00 62.61  ? 58  LYS A CG  1 
ATOM   199 C CD  . LYS A 1 58  ? 0.477  -1.402  31.050  1.00 70.63  ? 58  LYS A CD  1 
ATOM   200 C CE  . LYS A 1 58  ? 1.523  -1.520  32.139  1.00 74.70  ? 58  LYS A CE  1 
ATOM   201 N NZ  . LYS A 1 58  ? 2.376  -0.308  32.215  1.00 79.86  ? 58  LYS A NZ  1 
ATOM   202 N N   . THR A 1 59  ? -0.241 -1.225  24.839  1.00 46.67  ? 59  THR A N   1 
ATOM   203 C CA  . THR A 1 59  ? -1.161 -0.971  23.754  1.00 48.56  ? 59  THR A CA  1 
ATOM   204 C C   . THR A 1 59  ? -0.970 -2.088  22.734  1.00 51.80  ? 59  THR A C   1 
ATOM   205 O O   . THR A 1 59  ? 0.161  -2.439  22.426  1.00 66.13  ? 59  THR A O   1 
ATOM   206 C CB  . THR A 1 59  ? -0.897 0.459   23.241  1.00 56.26  ? 59  THR A CB  1 
ATOM   207 O OG1 . THR A 1 59  ? -1.378 1.370   24.238  1.00 50.13  ? 59  THR A OG1 1 
ATOM   208 C CG2 . THR A 1 59  ? -1.516 0.788   21.894  1.00 52.72  ? 59  THR A CG2 1 
ATOM   209 N N   . LYS A 1 60  ? -2.053 -2.637  22.187  1.00 52.12  ? 60  LYS A N   1 
ATOM   210 C CA  . LYS A 1 60  ? -1.915 -3.720  21.226  1.00 59.14  ? 60  LYS A CA  1 
ATOM   211 C C   . LYS A 1 60  ? -1.315 -3.164  19.933  1.00 56.09  ? 60  LYS A C   1 
ATOM   212 O O   . LYS A 1 60  ? -0.241 -3.595  19.522  1.00 57.49  ? 60  LYS A O   1 
ATOM   213 C CB  . LYS A 1 60  ? -3.236 -4.471  21.030  1.00 60.97  ? 60  LYS A CB  1 
ATOM   214 C CG  . LYS A 1 60  ? -3.213 -5.561  19.966  1.00 72.58  ? 60  LYS A CG  1 
ATOM   215 C CD  . LYS A 1 60  ? -4.570 -6.201  19.718  1.00 78.32  ? 60  LYS A CD  1 
ATOM   216 C CE  . LYS A 1 60  ? -4.550 -7.236  18.611  1.00 83.80  ? 60  LYS A CE  1 
ATOM   217 N NZ  . LYS A 1 60  ? -4.150 -6.663  17.302  1.00 83.32  ? 60  LYS A NZ  1 
ATOM   218 N N   . GLU A 1 61  ? -1.985 -2.198  19.301  1.00 51.60  ? 61  GLU A N   1 
ATOM   219 C CA  . GLU A 1 61  ? -1.514 -1.680  18.029  1.00 47.24  ? 61  GLU A CA  1 
ATOM   220 C C   . GLU A 1 61  ? -1.544 -0.155  18.055  1.00 51.46  ? 61  GLU A C   1 
ATOM   221 O O   . GLU A 1 61  ? -2.456 0.455   18.621  1.00 48.24  ? 61  GLU A O   1 
ATOM   222 C CB  . GLU A 1 61  ? -2.338 -2.277  16.892  1.00 54.53  ? 61  GLU A CB  1 
ATOM   223 C CG  . GLU A 1 61  ? -1.915 -1.795  15.515  1.00 63.36  ? 61  GLU A CG  1 
ATOM   224 C CD  . GLU A 1 61  ? -2.572 -2.508  14.342  1.00 79.45  ? 61  GLU A CD  1 
ATOM   225 O OE1 . GLU A 1 61  ? -3.253 -3.539  14.571  1.00 83.01  ? 61  GLU A OE1 1 
ATOM   226 O OE2 . GLU A 1 61  ? -2.407 -2.025  13.194  1.00 83.04  ? 61  GLU A OE2 1 
ATOM   227 N N   . GLN A 1 62  ? -0.534 0.454   17.415  1.00 49.84  ? 62  GLN A N   1 
ATOM   228 C CA  . GLN A 1 62  ? -0.401 1.905   17.376  1.00 44.92  ? 62  GLN A CA  1 
ATOM   229 C C   . GLN A 1 62  ? 0.292  2.303   16.076  1.00 37.10  ? 62  GLN A C   1 
ATOM   230 O O   . GLN A 1 62  ? 1.369  1.800   15.787  1.00 37.24  ? 62  GLN A O   1 
ATOM   231 C CB  . GLN A 1 62  ? 0.317  2.404   18.630  1.00 45.47  ? 62  GLN A CB  1 
ATOM   232 C CG  . GLN A 1 62  ? 0.146  3.899   18.843  1.00 53.47  ? 62  GLN A CG  1 
ATOM   233 C CD  . GLN A 1 62  ? 1.010  4.707   17.900  1.00 57.21  ? 62  GLN A CD  1 
ATOM   234 O OE1 . GLN A 1 62  ? 2.233  4.569   17.898  1.00 60.11  ? 62  GLN A OE1 1 
ATOM   235 N NE2 . GLN A 1 62  ? 0.391  5.547   17.084  1.00 57.68  ? 62  GLN A NE2 1 
ATOM   236 N N   . VAL A 1 63  ? -0.349 3.187   15.303  1.00 33.14  ? 63  VAL A N   1 
ATOM   237 C CA  . VAL A 1 63  ? 0.195  3.717   14.073  1.00 30.75  ? 63  VAL A CA  1 
ATOM   238 C C   . VAL A 1 63  ? 0.201  5.248   14.127  1.00 39.22  ? 63  VAL A C   1 
ATOM   239 O O   . VAL A 1 63  ? -0.845 5.851   14.350  1.00 46.44  ? 63  VAL A O   1 
ATOM   240 C CB  . VAL A 1 63  ? -0.627 3.197   12.889  1.00 35.47  ? 63  VAL A CB  1 
ATOM   241 C CG1 . VAL A 1 63  ? -0.110 3.741   11.563  1.00 30.28  ? 63  VAL A CG1 1 
ATOM   242 C CG2 . VAL A 1 63  ? -0.657 1.679   12.896  1.00 38.11  ? 63  VAL A CG2 1 
ATOM   243 N N   . THR A 1 64  ? 1.385  5.866   13.977  1.00 43.05  ? 64  THR A N   1 
ATOM   244 C CA  . THR A 1 64  ? 1.567  7.310   13.816  1.00 37.97  ? 64  THR A CA  1 
ATOM   245 C C   . THR A 1 64  ? 2.103  7.540   12.416  1.00 33.93  ? 64  THR A C   1 
ATOM   246 O O   . THR A 1 64  ? 3.222  7.140   12.157  1.00 35.57  ? 64  THR A O   1 
ATOM   247 C CB  . THR A 1 64  ? 2.540  7.880   14.866  1.00 42.19  ? 64  THR A CB  1 
ATOM   248 O OG1 . THR A 1 64  ? 1.936  7.905   16.159  1.00 35.24  ? 64  THR A OG1 1 
ATOM   249 C CG2 . THR A 1 64  ? 3.008  9.291   14.569  1.00 46.53  ? 64  THR A CG2 1 
ATOM   250 N N   . ASN A 1 65  ? 1.301  8.139   11.525  1.00 30.03  ? 65  ASN A N   1 
ATOM   251 C CA  . ASN A 1 65  ? 1.660  8.338   10.137  1.00 30.51  ? 65  ASN A CA  1 
ATOM   252 C C   . ASN A 1 65  ? 1.552  9.824   9.787   1.00 37.08  ? 65  ASN A C   1 
ATOM   253 O O   . ASN A 1 65  ? 0.517  10.441  10.060  1.00 39.73  ? 65  ASN A O   1 
ATOM   254 C CB  . ASN A 1 65  ? 0.701  7.550   9.251   1.00 33.25  ? 65  ASN A CB  1 
ATOM   255 C CG  . ASN A 1 65  ? 1.059  7.602   7.795   1.00 29.12  ? 65  ASN A CG  1 
ATOM   256 O OD1 . ASN A 1 65  ? 2.237  7.638   7.456   1.00 45.62  ? 65  ASN A OD1 1 
ATOM   257 N ND2 . ASN A 1 65  ? 0.068  7.566   6.921   1.00 35.37  ? 65  ASN A ND2 1 
ATOM   258 N N   . VAL A 1 66  ? 2.598  10.404  9.171   1.00 38.45  ? 66  VAL A N   1 
ATOM   259 C CA  . VAL A 1 66  ? 2.589  11.825  8.818   1.00 36.91  ? 66  VAL A CA  1 
ATOM   260 C C   . VAL A 1 66  ? 3.118  11.997  7.410   1.00 35.85  ? 66  VAL A C   1 
ATOM   261 O O   . VAL A 1 66  ? 4.305  11.831  7.168   1.00 43.35  ? 66  VAL A O   1 
ATOM   262 C CB  . VAL A 1 66  ? 3.423  12.702  9.770   1.00 40.37  ? 66  VAL A CB  1 
ATOM   263 C CG1 . VAL A 1 66  ? 3.391  14.161  9.304   1.00 44.18  ? 66  VAL A CG1 1 
ATOM   264 C CG2 . VAL A 1 66  ? 2.997  12.576  11.220  1.00 36.10  ? 66  VAL A CG2 1 
ATOM   265 N N   . GLY A 1 67  ? 2.235  12.358  6.492   1.00 35.65  ? 67  GLY A N   1 
ATOM   266 C CA  . GLY A 1 67  ? 2.589  12.471  5.096   1.00 37.69  ? 67  GLY A CA  1 
ATOM   267 C C   . GLY A 1 67  ? 3.007  11.135  4.480   1.00 49.34  ? 67  GLY A C   1 
ATOM   268 O O   . GLY A 1 67  ? 3.436  11.139  3.319   1.00 47.96  ? 67  GLY A O   1 
ATOM   269 N N   . GLY A 1 68  ? 2.850  10.011  5.230   1.00 45.09  ? 68  GLY A N   1 
ATOM   270 C CA  . GLY A 1 68  ? 3.274  8.692   4.774   1.00 44.26  ? 68  GLY A CA  1 
ATOM   271 C C   . GLY A 1 68  ? 2.107  7.787   4.336   1.00 42.98  ? 68  GLY A C   1 
ATOM   272 O O   . GLY A 1 68  ? 0.941  8.059   4.648   1.00 39.64  ? 68  GLY A O   1 
ATOM   273 N N   . ALA A 1 69  ? 2.447  6.732   3.576   1.00 31.85  ? 69  ALA A N   1 
ATOM   274 C CA  . ALA A 1 69  ? 1.550  5.640   3.265   1.00 30.64  ? 69  ALA A CA  1 
ATOM   275 C C   . ALA A 1 69  ? 1.902  4.423   4.119   1.00 30.17  ? 69  ALA A C   1 
ATOM   276 O O   . ALA A 1 69  ? 3.061  4.004   4.146   1.00 30.95  ? 69  ALA A O   1 
ATOM   277 C CB  . ALA A 1 69  ? 1.613  5.347   1.794   1.00 31.46  ? 69  ALA A CB  1 
ATOM   278 N N   . VAL A 1 70  ? 0.935  3.944   4.912   1.00 32.04  ? 70  VAL A N   1 
ATOM   279 C CA  . VAL A 1 70  ? 0.993  2.644   5.588   1.00 30.55  ? 70  VAL A CA  1 
ATOM   280 C C   . VAL A 1 70  ? -0.051 1.772   4.914   1.00 33.56  ? 70  VAL A C   1 
ATOM   281 O O   . VAL A 1 70  ? -1.242 2.010   5.123   1.00 30.19  ? 70  VAL A O   1 
ATOM   282 C CB  . VAL A 1 70  ? 0.744  2.775   7.088   1.00 33.82  ? 70  VAL A CB  1 
ATOM   283 C CG1 . VAL A 1 70  ? 0.869  1.424   7.808   1.00 37.55  ? 70  VAL A CG1 1 
ATOM   284 C CG2 . VAL A 1 70  ? 1.684  3.811   7.686   1.00 34.58  ? 70  VAL A CG2 1 
ATOM   285 N N   . VAL A 1 71  ? 0.409  0.940   3.957   1.00 35.30  ? 71  VAL A N   1 
ATOM   286 C CA  . VAL A 1 71  ? -0.435 0.087   3.129   1.00 33.44  ? 71  VAL A CA  1 
ATOM   287 C C   . VAL A 1 71  ? -0.252 -1.374  3.562   1.00 37.76  ? 71  VAL A C   1 
ATOM   288 O O   . VAL A 1 71  ? 0.876  -1.875  3.570   1.00 33.80  ? 71  VAL A O   1 
ATOM   289 C CB  . VAL A 1 71  ? -0.132 0.220   1.636   1.00 32.74  ? 71  VAL A CB  1 
ATOM   290 C CG1 . VAL A 1 71  ? -1.122 -0.590  0.803   1.00 32.56  ? 71  VAL A CG1 1 
ATOM   291 C CG2 . VAL A 1 71  ? -0.101 1.666   1.171   1.00 35.90  ? 71  VAL A CG2 1 
ATOM   292 N N   . THR A 1 72  ? -1.378 -2.041  3.883   1.00 37.96  ? 72  THR A N   1 
ATOM   293 C CA  . THR A 1 72  ? -1.414 -3.399  4.418   1.00 36.31  ? 72  THR A CA  1 
ATOM   294 C C   . THR A 1 72  ? -2.617 -4.165  3.865   1.00 38.64  ? 72  THR A C   1 
ATOM   295 O O   . THR A 1 72  ? -3.760 -3.743  4.036   1.00 34.64  ? 72  THR A O   1 
ATOM   296 C CB  . THR A 1 72  ? -1.571 -3.430  5.937   1.00 40.98  ? 72  THR A CB  1 
ATOM   297 O OG1 . THR A 1 72  ? -0.642 -2.544  6.561   1.00 43.31  ? 72  THR A OG1 1 
ATOM   298 C CG2 . THR A 1 72  ? -1.399 -4.832  6.485   1.00 45.39  ? 72  THR A CG2 1 
ATOM   299 N N   . GLY A 1 73  ? -2.369 -5.325  3.245   1.00 38.05  ? 73  GLY A N   1 
ATOM   300 C CA  . GLY A 1 73  ? -3.460 -6.212  2.882   1.00 36.25  ? 73  GLY A CA  1 
ATOM   301 C C   . GLY A 1 73  ? -4.352 -5.603  1.812   1.00 32.63  ? 73  GLY A C   1 
ATOM   302 O O   . GLY A 1 73  ? -5.532 -5.384  2.060   1.00 37.25  ? 73  GLY A O   1 
ATOM   303 N N   . VAL A 1 74  ? -3.764 -5.308  0.650   1.00 30.68  ? 74  VAL A N   1 
ATOM   304 C CA  . VAL A 1 74  ? -4.480 -4.690  -0.451  1.00 29.77  ? 74  VAL A CA  1 
ATOM   305 C C   . VAL A 1 74  ? -4.322 -5.546  -1.695  1.00 29.23  ? 74  VAL A C   1 
ATOM   306 O O   . VAL A 1 74  ? -3.244 -6.079  -1.927  1.00 33.05  ? 74  VAL A O   1 
ATOM   307 C CB  . VAL A 1 74  ? -3.959 -3.260  -0.706  1.00 31.80  ? 74  VAL A CB  1 
ATOM   308 C CG1 . VAL A 1 74  ? -4.573 -2.651  -1.960  1.00 31.45  ? 74  VAL A CG1 1 
ATOM   309 C CG2 . VAL A 1 74  ? -4.181 -2.375  0.510   1.00 30.98  ? 74  VAL A CG2 1 
ATOM   310 N N   . THR A 1 75  ? -5.386 -5.628  -2.502  1.00 28.42  ? 75  THR A N   1 
ATOM   311 C CA  . THR A 1 75  ? -5.311 -6.176  -3.848  1.00 30.98  ? 75  THR A CA  1 
ATOM   312 C C   . THR A 1 75  ? -5.834 -5.098  -4.787  1.00 27.10  ? 75  THR A C   1 
ATOM   313 O O   . THR A 1 75  ? -6.924 -4.590  -4.569  1.00 34.93  ? 75  THR A O   1 
ATOM   314 C CB  . THR A 1 75  ? -6.133 -7.481  -4.015  1.00 33.98  ? 75  THR A CB  1 
ATOM   315 O OG1 . THR A 1 75  ? -5.641 -8.531  -3.188  1.00 39.16  ? 75  THR A OG1 1 
ATOM   316 C CG2 . THR A 1 75  ? -6.088 -8.039  -5.418  1.00 35.47  ? 75  THR A CG2 1 
ATOM   317 N N   . ALA A 1 76  ? -5.063 -4.737  -5.807  1.00 24.72  ? 76  ALA A N   1 
ATOM   318 C CA  . ALA A 1 76  ? -5.423 -3.652  -6.697  1.00 23.02  ? 76  ALA A CA  1 
ATOM   319 C C   . ALA A 1 76  ? -5.157 -4.103  -8.119  1.00 20.38  ? 76  ALA A C   1 
ATOM   320 O O   . ALA A 1 76  ? -4.064 -4.571  -8.391  1.00 23.91  ? 76  ALA A O   1 
ATOM   321 C CB  . ALA A 1 76  ? -4.638 -2.419  -6.324  1.00 24.79  ? 76  ALA A CB  1 
ATOM   322 N N   . VAL A 1 77  ? -6.143 -3.967  -9.002  1.00 19.82  ? 77  VAL A N   1 
ATOM   323 C CA  . VAL A 1 77  ? -6.020 -4.425  -10.366 1.00 22.64  ? 77  VAL A CA  1 
ATOM   324 C C   . VAL A 1 77  ? -6.537 -3.341  -11.289 1.00 21.76  ? 77  VAL A C   1 
ATOM   325 O O   . VAL A 1 77  ? -7.657 -2.888  -11.116 1.00 27.37  ? 77  VAL A O   1 
ATOM   326 C CB  . VAL A 1 77  ? -6.785 -5.757  -10.590 1.00 24.28  ? 77  VAL A CB  1 
ATOM   327 C CG1 . VAL A 1 77  ? -6.691 -6.238  -12.037 1.00 23.92  ? 77  VAL A CG1 1 
ATOM   328 C CG2 . VAL A 1 77  ? -6.294 -6.805  -9.626  1.00 23.26  ? 77  VAL A CG2 1 
ATOM   329 N N   . ALA A 1 78  ? -5.715 -2.950  -12.258 1.00 22.96  ? 78  ALA A N   1 
ATOM   330 C CA  . ALA A 1 78  ? -6.089 -1.989  -13.274 1.00 26.43  ? 78  ALA A CA  1 
ATOM   331 C C   . ALA A 1 78  ? -5.910 -2.664  -14.618 1.00 24.26  ? 78  ALA A C   1 
ATOM   332 O O   . ALA A 1 78  ? -4.869 -3.265  -14.884 1.00 27.09  ? 78  ALA A O   1 
ATOM   333 C CB  . ALA A 1 78  ? -5.233 -0.743  -13.141 1.00 26.72  ? 78  ALA A CB  1 
ATOM   334 N N   . GLN A 1 79  ? -6.900 -2.560  -15.479 1.00 25.94  ? 79  GLN A N   1 
ATOM   335 C CA  . GLN A 1 79  ? -6.814 -3.292  -16.716 1.00 26.09  ? 79  GLN A CA  1 
ATOM   336 C C   . GLN A 1 79  ? -7.467 -2.522  -17.853 1.00 26.72  ? 79  GLN A C   1 
ATOM   337 O O   . GLN A 1 79  ? -8.611 -2.078  -17.747 1.00 33.42  ? 79  GLN A O   1 
ATOM   338 C CB  . GLN A 1 79  ? -7.402 -4.685  -16.503 1.00 28.90  ? 79  GLN A CB  1 
ATOM   339 C CG  . GLN A 1 79  ? -7.557 -5.472  -17.808 1.00 29.18  ? 79  GLN A CG  1 
ATOM   340 C CD  . GLN A 1 79  ? -8.345 -6.741  -17.594 1.00 35.73  ? 79  GLN A CD  1 
ATOM   341 O OE1 . GLN A 1 79  ? -7.804 -7.807  -17.278 1.00 36.82  ? 79  GLN A OE1 1 
ATOM   342 N NE2 . GLN A 1 79  ? -9.651 -6.629  -17.777 1.00 36.86  ? 79  GLN A NE2 1 
ATOM   343 N N   . LYS A 1 80  ? -6.782 -2.482  -18.989 1.00 27.22  ? 80  LYS A N   1 
ATOM   344 C CA  . LYS A 1 80  ? -7.321 -1.945  -20.217 1.00 28.25  ? 80  LYS A CA  1 
ATOM   345 C C   . LYS A 1 80  ? -7.046 -2.959  -21.322 1.00 30.19  ? 80  LYS A C   1 
ATOM   346 O O   . LYS A 1 80  ? -5.908 -3.370  -21.507 1.00 32.70  ? 80  LYS A O   1 
ATOM   347 C CB  . LYS A 1 80  ? -6.690 -0.574  -20.477 1.00 34.19  ? 80  LYS A CB  1 
ATOM   348 C CG  . LYS A 1 80  ? -6.965 0.049   -21.847 1.00 38.04  ? 80  LYS A CG  1 
ATOM   349 C CD  . LYS A 1 80  ? -8.322 0.665   -21.916 1.00 46.39  ? 80  LYS A CD  1 
ATOM   350 C CE  . LYS A 1 80  ? -8.769 0.967   -23.325 1.00 49.52  ? 80  LYS A CE  1 
ATOM   351 N NZ  . LYS A 1 80  ? -7.977 2.063   -23.924 1.00 52.05  ? 80  LYS A NZ  1 
ATOM   352 N N   . THR A 1 81  ? -8.080 -3.330  -22.071 1.00 33.23  ? 81  THR A N   1 
ATOM   353 C CA  . THR A 1 81  ? -7.965 -4.222  -23.210 1.00 35.98  ? 81  THR A CA  1 
ATOM   354 C C   . THR A 1 81  ? -8.541 -3.506  -24.422 1.00 35.56  ? 81  THR A C   1 
ATOM   355 O O   . THR A 1 81  ? -9.559 -2.825  -24.306 1.00 42.68  ? 81  THR A O   1 
ATOM   356 C CB  . THR A 1 81  ? -8.728 -5.533  -22.956 1.00 43.23  ? 81  THR A CB  1 
ATOM   357 O OG1 . THR A 1 81  ? -8.262 -6.109  -21.730 1.00 45.23  ? 81  THR A OG1 1 
ATOM   358 C CG2 . THR A 1 81  ? -8.608 -6.546  -24.082 1.00 40.72  ? 81  THR A CG2 1 
ATOM   359 N N   . VAL A 1 82  ? -7.911 -3.688  -25.578 1.00 41.64  ? 82  VAL A N   1 
ATOM   360 C CA  . VAL A 1 82  ? -8.381 -3.099  -26.821 1.00 45.56  ? 82  VAL A CA  1 
ATOM   361 C C   . VAL A 1 82  ? -8.201 -4.136  -27.924 1.00 42.27  ? 82  VAL A C   1 
ATOM   362 O O   . VAL A 1 82  ? -7.072 -4.512  -28.211 1.00 49.27  ? 82  VAL A O   1 
ATOM   363 C CB  . VAL A 1 82  ? -7.614 -1.806  -27.165 1.00 45.36  ? 82  VAL A CB  1 
ATOM   364 C CG1 . VAL A 1 82  ? -8.143 -1.174  -28.444 1.00 47.69  ? 82  VAL A CG1 1 
ATOM   365 C CG2 . VAL A 1 82  ? -7.625 -0.811  -26.026 1.00 48.37  ? 82  VAL A CG2 1 
ATOM   366 N N   . GLU A 1 83  ? -9.305 -4.578  -28.541 1.00 45.59  ? 83  GLU A N   1 
ATOM   367 C CA  . GLU A 1 83  ? -9.268 -5.505  -29.666 1.00 47.63  ? 83  GLU A CA  1 
ATOM   368 C C   . GLU A 1 83  ? -8.502 -6.773  -29.288 1.00 47.85  ? 83  GLU A C   1 
ATOM   369 O O   . GLU A 1 83  ? -7.835 -7.385  -30.123 1.00 52.73  ? 83  GLU A O   1 
ATOM   370 C CB  . GLU A 1 83  ? -8.694 -4.818  -30.908 1.00 56.98  ? 83  GLU A CB  1 
ATOM   371 C CG  . GLU A 1 83  ? -9.539 -3.649  -31.391 1.00 66.79  ? 83  GLU A CG  1 
ATOM   372 C CD  . GLU A 1 83  ? -9.097 -2.998  -32.696 1.00 83.96  ? 83  GLU A CD  1 
ATOM   373 O OE1 . GLU A 1 83  ? -8.128 -3.492  -33.315 1.00 91.54  ? 83  GLU A OE1 1 
ATOM   374 O OE2 . GLU A 1 83  ? -9.721 -1.981  -33.093 1.00 88.88  ? 83  GLU A OE2 1 
ATOM   375 N N   . GLY A 1 84  ? -8.653 -7.199  -28.031 1.00 44.41  ? 84  GLY A N   1 
ATOM   376 C CA  . GLY A 1 84  ? -7.831 -8.258  -27.475 1.00 45.34  ? 84  GLY A CA  1 
ATOM   377 C C   . GLY A 1 84  ? -8.561 -9.022  -26.380 1.00 39.62  ? 84  GLY A C   1 
ATOM   378 O O   . GLY A 1 84  ? -9.726 -8.757  -26.095 1.00 45.12  ? 84  GLY A O   1 
ATOM   379 N N   . ALA A 1 85  ? -7.853 -9.977  -25.785 1.00 37.51  ? 85  ALA A N   1 
ATOM   380 C CA  . ALA A 1 85  ? -8.356 -10.719 -24.646 1.00 37.57  ? 85  ALA A CA  1 
ATOM   381 C C   . ALA A 1 85  ? -7.386 -10.525 -23.502 1.00 32.13  ? 85  ALA A C   1 
ATOM   382 O O   . ALA A 1 85  ? -6.190 -10.706 -23.661 1.00 41.31  ? 85  ALA A O   1 
ATOM   383 C CB  . ALA A 1 85  ? -8.501 -12.188 -25.004 1.00 40.96  ? 85  ALA A CB  1 
ATOM   384 N N   . GLY A 1 86  ? -7.901 -10.159 -22.345 1.00 36.04  ? 86  GLY A N   1 
ATOM   385 C CA  . GLY A 1 86  ? -7.060 -9.963  -21.186 1.00 32.10  ? 86  GLY A CA  1 
ATOM   386 C C   . GLY A 1 86  ? -7.710 -10.574 -19.964 1.00 28.41  ? 86  GLY A C   1 
ATOM   387 O O   . GLY A 1 86  ? -8.894 -10.392 -19.740 1.00 33.13  ? 86  GLY A O   1 
ATOM   388 N N   . SER A 1 87  ? -6.918 -11.298 -19.191 1.00 28.30  ? 87  SER A N   1 
ATOM   389 C CA  . SER A 1 87  ? -7.400 -11.987 -18.021 1.00 29.39  ? 87  SER A CA  1 
ATOM   390 C C   . SER A 1 87  ? -6.410 -11.772 -16.891 1.00 25.16  ? 87  SER A C   1 
ATOM   391 O O   . SER A 1 87  ? -5.200 -11.729 -17.110 1.00 29.11  ? 87  SER A O   1 
ATOM   392 C CB  . SER A 1 87  ? -7.610 -13.456 -18.318 1.00 33.58  ? 87  SER A CB  1 
ATOM   393 O OG  . SER A 1 87  ? -6.428 -14.022 -18.866 1.00 38.99  ? 87  SER A OG  1 
ATOM   394 N N   . ILE A 1 88  ? -6.937 -11.630 -15.688 1.00 24.31  ? 88  ILE A N   1 
ATOM   395 C CA  . ILE A 1 88  ? -6.133 -11.458 -14.495 1.00 25.36  ? 88  ILE A CA  1 
ATOM   396 C C   . ILE A 1 88  ? -6.822 -12.225 -13.386 1.00 22.74  ? 88  ILE A C   1 
ATOM   397 O O   . ILE A 1 88  ? -8.028 -12.120 -13.234 1.00 29.51  ? 88  ILE A O   1 
ATOM   398 C CB  . ILE A 1 88  ? -5.964 -9.971  -14.097 1.00 27.33  ? 88  ILE A CB  1 
ATOM   399 C CG1 . ILE A 1 88  ? -5.304 -9.136  -15.191 1.00 32.68  ? 88  ILE A CG1 1 
ATOM   400 C CG2 . ILE A 1 88  ? -5.215 -9.825  -12.787 1.00 28.00  ? 88  ILE A CG2 1 
ATOM   401 C CD1 . ILE A 1 88  ? -5.391 -7.650  -14.950 1.00 36.93  ? 88  ILE A CD1 1 
ATOM   402 N N   . ALA A 1 89  ? -6.036 -12.934 -12.592 1.00 25.35  ? 89  ALA A N   1 
ATOM   403 C CA  . ALA A 1 89  ? -6.493 -13.480 -11.329 1.00 27.99  ? 89  ALA A CA  1 
ATOM   404 C C   . ALA A 1 89  ? -5.487 -13.037 -10.279 1.00 29.00  ? 89  ALA A C   1 
ATOM   405 O O   . ALA A 1 89  ? -4.314 -13.360 -10.380 1.00 33.44  ? 89  ALA A O   1 
ATOM   406 C CB  . ALA A 1 89  ? -6.571 -14.996 -11.454 1.00 28.10  ? 89  ALA A CB  1 
ATOM   407 N N   . ALA A 1 90  ? -5.928 -12.272 -9.290  1.00 30.93  ? 90  ALA A N   1 
ATOM   408 C CA  . ALA A 1 90  ? -5.024 -11.799 -8.268  1.00 30.18  ? 90  ALA A CA  1 
ATOM   409 C C   . ALA A 1 90  ? -5.630 -12.092 -6.917  1.00 28.33  ? 90  ALA A C   1 
ATOM   410 O O   . ALA A 1 90  ? -6.803 -11.834 -6.725  1.00 33.72  ? 90  ALA A O   1 
ATOM   411 C CB  . ALA A 1 90  ? -4.773 -10.316 -8.432  1.00 35.86  ? 90  ALA A CB  1 
ATOM   412 N N   . ALA A 1 91  ? -4.792 -12.477 -5.963  1.00 31.06  ? 91  ALA A N   1 
ATOM   413 C CA  . ALA A 1 91  ? -5.240 -12.756 -4.613  1.00 34.52  ? 91  ALA A CA  1 
ATOM   414 C C   . ALA A 1 91  ? -4.173 -12.314 -3.619  1.00 34.90  ? 91  ALA A C   1 
ATOM   415 O O   . ALA A 1 91  ? -2.988 -12.458 -3.879  1.00 39.18  ? 91  ALA A O   1 
ATOM   416 C CB  . ALA A 1 91  ? -5.529 -14.231 -4.488  1.00 37.03  ? 91  ALA A CB  1 
ATOM   417 N N   . THR A 1 92  ? -4.618 -11.797 -2.477  1.00 35.54  ? 92  THR A N   1 
ATOM   418 C CA  . THR A 1 92  ? -3.762 -11.509 -1.348  1.00 37.38  ? 92  THR A CA  1 
ATOM   419 C C   . THR A 1 92  ? -4.384 -12.163 -0.128  1.00 34.98  ? 92  THR A C   1 
ATOM   420 O O   . THR A 1 92  ? -5.552 -11.925 0.161   1.00 40.12  ? 92  THR A O   1 
ATOM   421 C CB  . THR A 1 92  ? -3.662 -10.000 -1.039  1.00 41.39  ? 92  THR A CB  1 
ATOM   422 O OG1 . THR A 1 92  ? -3.250 -9.252  -2.181  1.00 40.56  ? 92  THR A OG1 1 
ATOM   423 C CG2 . THR A 1 92  ? -2.708 -9.707  0.099   1.00 43.06  ? 92  THR A CG2 1 
ATOM   424 N N   . GLY A 1 93  ? -3.575 -12.908 0.622   1.00 36.98  ? 93  GLY A N   1 
ATOM   425 C CA  . GLY A 1 93  ? -3.967 -13.417 1.918   1.00 34.74  ? 93  GLY A CA  1 
ATOM   426 C C   . GLY A 1 93  ? -3.025 -12.868 2.971   1.00 38.11  ? 93  GLY A C   1 
ATOM   427 O O   . GLY A 1 93  ? -1.826 -13.125 2.915   1.00 46.87  ? 93  GLY A O   1 
ATOM   428 N N   . PHE A 1 94  ? -3.563 -12.072 3.881   1.00 34.68  ? 94  PHE A N   1 
ATOM   429 C CA  . PHE A 1 94  ? -2.817 -11.579 5.015   1.00 39.88  ? 94  PHE A CA  1 
ATOM   430 C C   . PHE A 1 94  ? -3.437 -12.243 6.229   1.00 35.68  ? 94  PHE A C   1 
ATOM   431 O O   . PHE A 1 94  ? -4.650 -12.150 6.407   1.00 42.07  ? 94  PHE A O   1 
ATOM   432 C CB  . PHE A 1 94  ? -2.881 -10.047 5.041   1.00 42.91  ? 94  PHE A CB  1 
ATOM   433 C CG  . PHE A 1 94  ? -2.117 -9.364  6.143   1.00 46.22  ? 94  PHE A CG  1 
ATOM   434 C CD1 . PHE A 1 94  ? -2.585 -9.381  7.452   1.00 53.96  ? 94  PHE A CD1 1 
ATOM   435 C CD2 . PHE A 1 94  ? -0.955 -8.649  5.866   1.00 51.59  ? 94  PHE A CD2 1 
ATOM   436 C CE1 . PHE A 1 94  ? -1.903 -8.714  8.461   1.00 56.97  ? 94  PHE A CE1 1 
ATOM   437 C CE2 . PHE A 1 94  ? -0.262 -8.004  6.881   1.00 51.41  ? 94  PHE A CE2 1 
ATOM   438 C CZ  . PHE A 1 94  ? -0.742 -8.024  8.173   1.00 54.09  ? 94  PHE A CZ  1 
ATOM   439 N N   . VAL A 1 95  ? -2.611 -12.899 7.043   1.00 33.31  ? 95  VAL A N   1 
ATOM   440 C CA  . VAL A 1 95  ? -3.077 -13.611 8.222   1.00 35.51  ? 95  VAL A CA  1 
ATOM   441 C C   . VAL A 1 95  ? -2.087 -13.321 9.336   1.00 35.93  ? 95  VAL A C   1 
ATOM   442 O O   . VAL A 1 95  ? -0.886 -13.438 9.125   1.00 46.43  ? 95  VAL A O   1 
ATOM   443 C CB  . VAL A 1 95  ? -3.224 -15.121 7.924   1.00 35.65  ? 95  VAL A CB  1 
ATOM   444 C CG1 . VAL A 1 95  ? -3.720 -15.929 9.105   1.00 36.00  ? 95  VAL A CG1 1 
ATOM   445 C CG2 . VAL A 1 95  ? -4.123 -15.344 6.730   1.00 37.39  ? 95  VAL A CG2 1 
ATOM   446 N N   . LYS A 1 96  ? -2.587 -12.900 10.496  1.00 40.75  ? 96  LYS A N   1 
ATOM   447 C CA  . LYS A 1 96  ? -1.741 -12.647 11.644  1.00 44.45  ? 96  LYS A CA  1 
ATOM   448 C C   . LYS A 1 96  ? -2.406 -13.235 12.881  1.00 45.90  ? 96  LYS A C   1 
ATOM   449 O O   . LYS A 1 96  ? -3.506 -12.815 13.231  1.00 53.76  ? 96  LYS A O   1 
ATOM   450 C CB  . LYS A 1 96  ? -1.502 -11.145 11.789  1.00 52.69  ? 96  LYS A CB  1 
ATOM   451 C CG  . LYS A 1 96  ? -0.516 -10.754 12.880  1.00 62.90  ? 96  LYS A CG  1 
ATOM   452 C CD  . LYS A 1 96  ? -0.099 -9.293  12.841  1.00 75.61  ? 96  LYS A CD  1 
ATOM   453 C CE  . LYS A 1 96  ? 0.658  -8.917  11.583  1.00 80.08  ? 96  LYS A CE  1 
ATOM   454 N NZ  . LYS A 1 96  ? 1.280  -7.577  11.707  1.00 84.95  ? 96  LYS A NZ  1 
ATOM   455 N N   . LYS A 1 97  ? -1.747 -14.202 13.526  1.00 46.15  ? 97  LYS A N   1 
ATOM   456 C CA  . LYS A 1 97  ? -2.244 -14.785 14.760  1.00 51.67  ? 97  LYS A CA  1 
ATOM   457 C C   . LYS A 1 97  ? -1.238 -14.525 15.880  1.00 57.33  ? 97  LYS A C   1 
ATOM   458 O O   . LYS A 1 97  ? -0.032 -14.614 15.650  1.00 60.70  ? 97  LYS A O   1 
ATOM   459 C CB  . LYS A 1 97  ? -2.515 -16.275 14.560  1.00 54.68  ? 97  LYS A CB  1 
ATOM   460 C CG  . LYS A 1 97  ? -3.585 -16.588 13.525  1.00 64.14  ? 97  LYS A CG  1 
ATOM   461 C CD  . LYS A 1 97  ? -3.770 -18.071 13.278  1.00 75.13  ? 97  LYS A CD  1 
ATOM   462 C CE  . LYS A 1 97  ? -4.495 -18.390 11.984  1.00 79.46  ? 97  LYS A CE  1 
ATOM   463 N NZ  . LYS A 1 97  ? -5.913 -17.955 12.022  1.00 83.57  ? 97  LYS A NZ  1 
ATOM   464 N N   . ASP A 1 98  ? -1.742 -14.205 17.081  1.00 58.74  ? 98  ASP A N   1 
ATOM   465 C CA  . ASP A 1 98  ? -0.902 -14.036 18.257  1.00 71.92  ? 98  ASP A CA  1 
ATOM   466 C C   . ASP A 1 98  ? -1.544 -14.776 19.431  1.00 79.45  ? 98  ASP A C   1 
ATOM   467 O O   . ASP A 1 98  ? -2.343 -14.203 20.173  1.00 82.62  ? 98  ASP A O   1 
ATOM   468 C CB  . ASP A 1 98  ? -0.659 -12.552 18.551  1.00 84.42  ? 98  ASP A CB  1 
ATOM   469 C CG  . ASP A 1 98  ? 0.386  -12.280 19.625  1.00 100.49 ? 98  ASP A CG  1 
ATOM   470 O OD1 . ASP A 1 98  ? 1.209  -13.183 19.895  1.00 103.29 ? 98  ASP A OD1 1 
ATOM   471 O OD2 . ASP A 1 98  ? 0.363  -11.167 20.198  1.00 107.93 ? 98  ASP A OD2 1 
ATOM   472 N N   . GLN A 1 99  ? -1.190 -16.061 19.577  1.00 92.20  ? 99  GLN A N   1 
ATOM   473 C CA  . GLN A 1 99  ? -1.675 -16.894 20.667  1.00 100.49 ? 99  GLN A CA  1 
ATOM   474 C C   . GLN A 1 99  ? -0.796 -16.665 21.895  1.00 105.79 ? 99  GLN A C   1 
ATOM   475 O O   . GLN A 1 99  ? 0.362  -17.082 21.905  1.00 111.72 ? 99  GLN A O   1 
ATOM   476 C CB  . GLN A 1 99  ? -1.667 -18.364 20.243  1.00 104.17 ? 99  GLN A CB  1 
ATOM   477 C CG  . GLN A 1 99  ? -2.288 -19.303 21.269  1.00 113.56 ? 99  GLN A CG  1 
ATOM   478 C CD  . GLN A 1 99  ? -2.326 -20.740 20.805  1.00 122.40 ? 99  GLN A CD  1 
ATOM   479 O OE1 . GLN A 1 99  ? -1.825 -21.087 19.735  1.00 124.93 ? 99  GLN A OE1 1 
ATOM   480 N NE2 . GLN A 1 99  ? -2.925 -21.596 21.620  1.00 129.44 ? 99  GLN A NE2 1 
ATOM   481 N N   . LEU A 1 100 ? -1.356 -15.993 22.913  1.00 116.80 ? 100 LEU A N   1 
ATOM   482 C CA  . LEU A 1 100 ? -0.684 -15.765 24.185  1.00 125.43 ? 100 LEU A CA  1 
ATOM   483 C C   . LEU A 1 100 ? -1.358 -16.618 25.268  1.00 129.93 ? 100 LEU A C   1 
ATOM   484 O O   . LEU A 1 100 ? -0.894 -16.522 26.443  1.00 130.15 ? 100 LEU A O   1 
ATOM   485 C CB  . LEU A 1 100 ? -0.756 -14.274 24.535  1.00 131.23 ? 100 LEU A CB  1 
ATOM   486 C CG  . LEU A 1 100 ? -0.206 -13.297 23.490  1.00 138.86 ? 100 LEU A CG  1 
ATOM   487 C CD1 . LEU A 1 100 ? -0.048 -11.887 24.061  1.00 142.22 ? 100 LEU A CD1 1 
ATOM   488 C CD2 . LEU A 1 100 ? 1.134  -13.774 22.963  1.00 141.69 ? 100 LEU A CD2 1 
ATOM   489 N N   . UNK B 2 1   ? -5.221 -21.009 -5.426  1.00 86.89  ? 1   UNK B N   1 
ATOM   490 C CA  . UNK B 2 1   ? -5.179 -21.662 -6.759  1.00 83.89  ? 1   UNK B CA  1 
ATOM   491 C C   . UNK B 2 1   ? -5.715 -20.705 -7.827  1.00 78.09  ? 1   UNK B C   1 
ATOM   492 O O   . UNK B 2 1   ? -6.829 -20.876 -8.327  1.00 85.83  ? 1   UNK B O   1 
ATOM   493 C CB  . UNK B 2 1   ? -5.943 -22.967 -6.723  1.00 81.21  ? 1   UNK B CB  1 
ATOM   494 N N   . UNK B 2 2   ? -4.900 -19.698 -8.167  1.00 69.81  ? 2   UNK B N   1 
ATOM   495 C CA  . UNK B 2 2   ? -5.238 -18.717 -9.188  1.00 64.68  ? 2   UNK B CA  1 
ATOM   496 C C   . UNK B 2 2   ? -4.962 -19.284 -10.584 1.00 55.97  ? 2   UNK B C   1 
ATOM   497 O O   . UNK B 2 2   ? -4.010 -20.033 -10.772 1.00 67.74  ? 2   UNK B O   1 
ATOM   498 C CB  . UNK B 2 2   ? -4.472 -17.437 -8.936  1.00 64.93  ? 2   UNK B CB  1 
ATOM   499 N N   . UNK B 2 3   ? -5.793 -18.909 -11.558 1.00 48.28  ? 3   UNK B N   1 
ATOM   500 C CA  . UNK B 2 3   ? -5.645 -19.355 -12.934 1.00 46.18  ? 3   UNK B CA  1 
ATOM   501 C C   . UNK B 2 3   ? -6.270 -18.350 -13.902 1.00 38.42  ? 3   UNK B C   1 
ATOM   502 O O   . UNK B 2 3   ? -7.348 -17.819 -13.673 1.00 37.19  ? 3   UNK B O   1 
ATOM   503 C CB  . UNK B 2 3   ? -6.265 -20.720 -13.104 1.00 51.04  ? 3   UNK B CB  1 
ATOM   504 N N   . UNK B 2 4   ? -5.589 -18.113 -15.014 1.00 38.86  ? 4   UNK B N   1 
ATOM   505 C CA  . UNK B 2 4   ? -6.012 -17.113 -15.971 1.00 38.94  ? 4   UNK B CA  1 
ATOM   506 C C   . UNK B 2 4   ? -5.759 -17.633 -17.379 1.00 33.29  ? 4   UNK B C   1 
ATOM   507 O O   . UNK B 2 4   ? -4.692 -18.151 -17.665 1.00 42.63  ? 4   UNK B O   1 
ATOM   508 C CB  . UNK B 2 4   ? -5.289 -15.803 -15.704 1.00 37.85  ? 4   UNK B CB  1 
ATOM   509 N N   . UNK B 2 5   ? -6.713 -17.424 -18.269 1.00 33.67  ? 5   UNK B N   1 
ATOM   510 C CA  . UNK B 2 5   ? -6.569 -17.858 -19.640 1.00 38.17  ? 5   UNK B CA  1 
ATOM   511 C C   . UNK B 2 5   ? -7.163 -16.817 -20.588 1.00 34.44  ? 5   UNK B C   1 
ATOM   512 O O   . UNK B 2 5   ? -8.272 -16.345 -20.389 1.00 39.59  ? 5   UNK B O   1 
ATOM   513 C CB  . UNK B 2 5   ? -7.209 -19.218 -19.785 1.00 39.16  ? 5   UNK B CB  1 
ATOM   514 N N   . UNK B 2 6   ? -6.430 -16.494 -21.649 1.00 35.62  ? 6   UNK B N   1 
ATOM   515 C CA  . UNK B 2 6   ? -6.867 -15.512 -22.627 1.00 37.35  ? 6   UNK B CA  1 
ATOM   516 C C   . UNK B 2 6   ? -6.610 -16.060 -24.024 1.00 34.61  ? 6   UNK B C   1 
ATOM   517 O O   . UNK B 2 6   ? -5.528 -16.566 -24.300 1.00 38.87  ? 6   UNK B O   1 
ATOM   518 C CB  . UNK B 2 6   ? -6.152 -14.185 -22.405 1.00 35.56  ? 6   UNK B CB  1 
ATOM   519 N N   . UNK B 2 7   ? -7.576 -15.891 -24.917 1.00 35.36  ? 7   UNK B N   1 
ATOM   520 C CA  . UNK B 2 7   ? -7.434 -16.353 -26.279 1.00 38.77  ? 7   UNK B CA  1 
ATOM   521 C C   . UNK B 2 7   ? -8.033 -15.328 -27.232 1.00 40.91  ? 7   UNK B C   1 
ATOM   522 O O   . UNK B 2 7   ? -9.147 -14.864 -27.023 1.00 48.66  ? 7   UNK B O   1 
ATOM   523 C CB  . UNK B 2 7   ? -8.100 -17.702 -26.406 1.00 42.13  ? 7   UNK B CB  1 
ATOM   524 N N   . UNK B 2 8   ? -7.288 -14.987 -28.278 1.00 46.84  ? 8   UNK B N   1 
ATOM   525 C CA  . UNK B 2 8   ? -7.738 -14.056 -29.296 1.00 51.68  ? 8   UNK B CA  1 
ATOM   526 C C   . UNK B 2 8   ? -7.497 -14.674 -30.671 1.00 51.62  ? 8   UNK B C   1 
ATOM   527 O O   . UNK B 2 8   ? -6.359 -14.695 -31.135 1.00 57.30  ? 8   UNK B O   1 
ATOM   528 C CB  . UNK B 2 8   ? -6.996 -12.744 -29.138 1.00 48.32  ? 8   UNK B CB  1 
ATOM   529 N N   . UNK B 2 9   ? -8.562 -15.159 -31.319 1.00 59.54  ? 9   UNK B N   1 
ATOM   530 C CA  . UNK B 2 9   ? -8.457 -15.833 -32.607 1.00 61.68  ? 9   UNK B CA  1 
ATOM   531 C C   . UNK B 2 9   ? -8.931 -14.901 -33.730 1.00 66.65  ? 9   UNK B C   1 
ATOM   532 O O   . UNK B 2 9   ? -8.567 -13.703 -33.671 1.00 70.18  ? 9   UNK B O   1 
ATOM   533 C CB  . UNK B 2 9   ? -9.257 -17.109 -32.566 1.00 64.12  ? 9   UNK B CB  1 
ATOM   534 N N   . UNK C 3 1   ? 7.526  7.122   30.683  1.00 99.90  ? 1   UNK C N   1 
ATOM   535 C CA  . UNK C 3 1   ? 7.787  7.302   29.232  1.00 103.99 ? 1   UNK C CA  1 
ATOM   536 C C   . UNK C 3 1   ? 7.685  8.783   28.869  1.00 104.77 ? 1   UNK C C   1 
ATOM   537 O O   . UNK C 3 1   ? 6.733  9.205   28.212  1.00 105.22 ? 1   UNK C O   1 
ATOM   538 C CB  . UNK C 3 1   ? 6.823  6.453   28.433  1.00 107.59 ? 1   UNK C CB  1 
ATOM   539 N N   . UNK C 3 2   ? 8.693  9.557   29.302  1.00 105.68 ? 2   UNK C N   1 
ATOM   540 C CA  . UNK C 3 2   ? 8.680  11.010  29.221  1.00 101.88 ? 2   UNK C CA  1 
ATOM   541 C C   . UNK C 3 2   ? 9.429  11.478  27.974  1.00 94.59  ? 2   UNK C C   1 
ATOM   542 O O   . UNK C 3 2   ? 10.591 11.878  28.062  1.00 96.70  ? 2   UNK C O   1 
ATOM   543 C CB  . UNK C 3 2   ? 9.282  11.589  30.481  1.00 105.93 ? 2   UNK C CB  1 
ATOM   544 N N   . UNK C 3 3   ? 8.744  11.432  26.823  1.00 84.91  ? 3   UNK C N   1 
ATOM   545 C CA  . UNK C 3 3   ? 9.284  11.919  25.562  1.00 79.53  ? 3   UNK C CA  1 
ATOM   546 C C   . UNK C 3 3   ? 9.208  13.448  25.513  1.00 85.98  ? 3   UNK C C   1 
ATOM   547 O O   . UNK C 3 3   ? 8.167  13.999  25.159  1.00 92.83  ? 3   UNK C O   1 
ATOM   548 C CB  . UNK C 3 3   ? 8.534  11.293  24.410  1.00 68.81  ? 3   UNK C CB  1 
ATOM   549 N N   . UNK C 3 4   ? 10.322 14.126  25.841  1.00 87.06  ? 4   UNK C N   1 
ATOM   550 C CA  . UNK C 3 4   ? 10.375 15.584  25.904  1.00 89.53  ? 4   UNK C CA  1 
ATOM   551 C C   . UNK C 3 4   ? 11.219 16.155  24.759  1.00 89.22  ? 4   UNK C C   1 
ATOM   552 O O   . UNK C 3 4   ? 12.439 16.271  24.886  1.00 92.01  ? 4   UNK C O   1 
ATOM   553 C CB  . UNK C 3 4   ? 10.914 16.015  27.250  1.00 91.80  ? 4   UNK C CB  1 
ATOM   554 N N   . VAL C 3 5   ? 10.552 16.527  23.654  1.00 79.06  ? 5   VAL C N   1 
ATOM   555 C CA  . VAL C 3 5   ? 11.175 17.257  22.555  1.00 74.14  ? 5   VAL C CA  1 
ATOM   556 C C   . VAL C 3 5   ? 11.193 18.748  22.899  1.00 80.44  ? 5   VAL C C   1 
ATOM   557 O O   . VAL C 3 5   ? 10.270 19.247  23.549  1.00 89.17  ? 5   VAL C O   1 
ATOM   558 C CB  . VAL C 3 5   ? 10.432 17.020  21.226  1.00 61.45  ? 5   VAL C CB  1 
ATOM   559 C CG1 . VAL C 3 5   ? 11.094 17.751  20.064  1.00 62.96  ? 5   VAL C CG1 1 
ATOM   560 C CG2 . VAL C 3 5   ? 10.289 15.545  20.900  1.00 66.61  ? 5   VAL C CG2 1 
ATOM   561 N N   . UNK C 3 6   ? 12.233 19.463  22.443  1.00 85.90  ? 6   UNK C N   1 
ATOM   562 C CA  . UNK C 3 6   ? 12.370 20.884  22.733  1.00 90.46  ? 6   UNK C CA  1 
ATOM   563 C C   . UNK C 3 6   ? 13.298 21.551  21.713  1.00 90.05  ? 6   UNK C C   1 
ATOM   564 O O   . UNK C 3 6   ? 14.506 21.674  21.953  1.00 91.32  ? 6   UNK C O   1 
ATOM   565 C CB  . UNK C 3 6   ? 12.861 21.076  24.153  1.00 89.69  ? 6   UNK C CB  1 
ATOM   566 N N   . UNK C 3 7   ? 12.713 21.986  20.582  1.00 85.63  ? 7   UNK C N   1 
ATOM   567 C CA  . UNK C 3 7   ? 13.454 22.668  19.532  1.00 87.14  ? 7   UNK C CA  1 
ATOM   568 C C   . UNK C 3 7   ? 13.630 24.149  19.892  1.00 92.75  ? 7   UNK C C   1 
ATOM   569 O O   . UNK C 3 7   ? 12.597 24.812  20.114  1.00 95.52  ? 7   UNK C O   1 
ATOM   570 C CB  . UNK C 3 7   ? 12.744 22.504  18.212  1.00 84.99  ? 7   UNK C CB  1 
HETATM 571 O O   . HOH D 4 .   ? 2.504  5.145   20.226  1.00 47.79  ? 201 HOH A O   1 
HETATM 572 O O   . HOH D 4 .   ? 1.938  -1.663  5.763   1.00 29.51  ? 202 HOH A O   1 
HETATM 573 O O   . HOH D 4 .   ? 3.373  11.223  0.801   1.00 34.28  ? 203 HOH A O   1 
HETATM 574 O O   . HOH D 4 .   ? -5.644 -6.286  -20.744 1.00 31.29  ? 204 HOH A O   1 
HETATM 575 O O   . HOH D 4 .   ? 8.302  15.019  4.259   1.00 57.17  ? 205 HOH A O   1 
HETATM 576 O O   . HOH D 4 .   ? 3.660  6.476   -5.298  1.00 43.20  ? 206 HOH A O   1 
# 
